data_7AQ9
#
_entry.id   7AQ9
#
_cell.length_a   69.385
_cell.length_b   76.378
_cell.length_c   108.565
_cell.angle_alpha   90.000
_cell.angle_beta   93.370
_cell.angle_gamma   90.000
#
_symmetry.space_group_name_H-M   'P 1 21 1'
#
loop_
_entity.id
_entity.type
_entity.pdbx_description
1 polymer 'Nitrous-oxide reductase'
2 non-polymer 2-[3-(2-HYDROXY-1,1-DIHYDROXYMETHYL-ETHYLAMINO)-PROPYLAMINO]-2-HYDROXYMETHYL-PROPANE-1,3-DIOL
3 non-polymer 'SODIUM ION'
4 non-polymer 'FORMIC ACID'
5 non-polymer 'CHLORIDE ION'
6 non-polymer 'DINUCLEAR COPPER ION'
7 non-polymer 'ZINC ION'
8 non-polymer PHENYLALANINE
9 non-polymer 'CALCIUM ION'
10 non-polymer 'POTASSIUM ION'
11 non-polymer '(MU-4-SULFIDO)-TETRA-NUCLEAR COPPER ION'
12 water water
#
_entity_poly.entity_id   1
_entity_poly.type   'polypeptide(L)'
_entity_poly.pdbx_seq_one_letter_code
;MSDKDSKNTPQVPEKLGLSRRGFLGASAVTGAAVAATALGGAVMTRESWAQAVKESKQKIHVGPGELDDYYGFWSGGHQG
EVRVLGVPSMRELMRIPVFNVDSATGWGLTNESRHIMGDSAKFLNGDCHHPHISMTDGKYDGKYLFINDKANSRVARIRL
DIMKCDKMITVPNVQAIHGLRLQKVPHTKYVFANAEFIIPHPNDGKVFDLQDENSYTMYNAIDAETMEMAFQVIVDGNLD
NTDADYTGRFAAATCYNSEKAFDLGGMMRNERDWVVVFDIHAVEAAVKAGDFITLGDSKTPVLDGRKKDGKDSKFTRYVP
VPKNPHGCNTSSDGKYFIAAGKLSPTCSMIAIDKLPDLFAGKLADPRDVIVGEPELGLGPLHTTFDGRGNAYTTLFIDSQ
VVKWNMEEAVRAYKGEKVNYIKQKLDVHYQPGHLHASLCETNEADGKWLVALSKFSKDRFLPVGPLHPENDQLIDISGDE
MKLVHDGPTFAEPHDCIMARRDQIKTKKIWDRNDPFFAPTVEMAKKDGINLDTDNKVIRDGNKVRVYMTSMAPAFGVQEF
TVKQGDEVTVTITNIDQIEDVSWGFVVVNHGVSMEISPQQTSSITFVADKPGLHWYYCSWFCHALHMEMVGRMMVEPAWS
HPQFEK
;
_entity_poly.pdbx_strand_id   A,B
#
# COMPACT_ATOMS: atom_id res chain seq x y z
N VAL A 53 -41.94 2.95 16.01
CA VAL A 53 -41.24 1.94 15.23
C VAL A 53 -40.55 2.56 14.02
N LYS A 54 -39.21 2.46 13.97
CA LYS A 54 -38.41 2.95 12.85
C LYS A 54 -37.49 1.84 12.38
N GLU A 55 -37.54 1.55 11.08
CA GLU A 55 -36.77 0.45 10.52
C GLU A 55 -35.39 0.92 10.06
N SER A 56 -34.43 -0.02 10.09
CA SER A 56 -33.10 0.16 9.51
C SER A 56 -33.12 -0.31 8.06
N LYS A 57 -33.11 0.63 7.11
CA LYS A 57 -33.34 0.30 5.70
C LYS A 57 -32.66 1.32 4.77
N GLN A 58 -31.45 1.75 5.10
CA GLN A 58 -30.68 2.61 4.22
C GLN A 58 -30.12 1.82 3.05
N LYS A 59 -29.94 2.50 1.93
CA LYS A 59 -29.37 1.87 0.73
C LYS A 59 -27.86 1.76 0.92
N ILE A 60 -27.32 0.58 0.64
CA ILE A 60 -25.88 0.37 0.74
C ILE A 60 -25.19 0.29 -0.60
N HIS A 61 -25.93 0.15 -1.69
CA HIS A 61 -25.34 0.06 -3.02
C HIS A 61 -25.06 1.46 -3.57
N VAL A 62 -23.83 1.67 -4.04
CA VAL A 62 -23.47 2.89 -4.75
C VAL A 62 -23.13 2.46 -6.17
N GLY A 63 -24.05 2.66 -7.10
CA GLY A 63 -23.85 2.19 -8.45
C GLY A 63 -22.99 3.12 -9.25
N PRO A 64 -22.63 2.66 -10.45
CA PRO A 64 -21.77 3.48 -11.32
C PRO A 64 -22.39 4.84 -11.58
N GLY A 65 -21.61 5.88 -11.36
CA GLY A 65 -22.09 7.24 -11.51
C GLY A 65 -22.67 7.85 -10.25
N GLU A 66 -23.03 7.04 -9.25
CA GLU A 66 -23.47 7.53 -7.95
C GLU A 66 -22.26 7.74 -7.04
N LEU A 67 -22.40 8.68 -6.09
CA LEU A 67 -21.33 9.01 -5.13
C LEU A 67 -21.65 8.48 -3.73
N ASP A 68 -20.61 8.14 -2.98
CA ASP A 68 -20.79 7.83 -1.57
C ASP A 68 -21.31 9.05 -0.80
N ASP A 69 -21.90 8.79 0.37
CA ASP A 69 -22.45 9.83 1.25
C ASP A 69 -21.46 10.33 2.30
N TYR A 70 -20.55 9.48 2.72
CA TYR A 70 -19.57 9.79 3.75
C TYR A 70 -18.18 9.47 3.24
N TYR A 71 -17.20 10.17 3.80
CA TYR A 71 -15.81 9.76 3.77
C TYR A 71 -15.52 8.86 4.96
N GLY A 72 -14.72 7.84 4.75
CA GLY A 72 -14.16 7.05 5.84
C GLY A 72 -12.65 7.21 5.80
N PHE A 73 -12.05 7.43 6.97
CA PHE A 73 -10.59 7.50 7.09
C PHE A 73 -10.15 6.32 7.94
N TRP A 74 -9.48 5.38 7.31
CA TRP A 74 -9.06 4.16 7.96
C TRP A 74 -7.60 4.30 8.35
N SER A 75 -7.28 3.90 9.57
CA SER A 75 -5.90 3.64 9.91
C SER A 75 -5.33 2.53 8.99
N GLY A 76 -4.05 2.64 8.66
CA GLY A 76 -3.42 1.60 7.87
C GLY A 76 -2.80 0.49 8.69
N GLY A 77 -3.04 0.49 10.01
CA GLY A 77 -2.50 -0.54 10.87
C GLY A 77 -0.99 -0.63 10.78
N HIS A 78 -0.48 -1.88 10.77
CA HIS A 78 0.94 -2.15 10.77
C HIS A 78 1.61 -1.76 9.45
N GLN A 79 0.82 -1.39 8.43
CA GLN A 79 1.35 -0.99 7.13
C GLN A 79 1.72 0.49 7.09
N GLY A 80 1.16 1.32 7.96
CA GLY A 80 1.72 2.63 8.22
C GLY A 80 1.05 3.80 7.51
N GLU A 81 0.09 3.55 6.60
CA GLU A 81 -0.54 4.62 5.81
C GLU A 81 -1.89 5.01 6.42
N VAL A 82 -2.56 5.97 5.78
CA VAL A 82 -3.97 6.29 6.06
C VAL A 82 -4.73 6.04 4.77
N ARG A 83 -5.95 5.54 4.87
CA ARG A 83 -6.71 5.20 3.68
C ARG A 83 -8.02 5.95 3.70
N VAL A 84 -8.41 6.47 2.55
CA VAL A 84 -9.67 7.18 2.39
C VAL A 84 -10.63 6.21 1.73
N LEU A 85 -11.77 5.96 2.37
CA LEU A 85 -12.82 5.11 1.84
C LEU A 85 -14.07 5.94 1.55
N GLY A 86 -14.89 5.44 0.64
CA GLY A 86 -16.25 5.93 0.46
C GLY A 86 -17.18 5.05 1.26
N VAL A 87 -18.10 5.67 1.98
CA VAL A 87 -19.11 4.98 2.77
C VAL A 87 -20.48 5.36 2.21
N PRO A 88 -21.40 4.41 1.99
CA PRO A 88 -21.46 2.98 2.37
C PRO A 88 -20.82 1.97 1.38
N SER A 89 -20.28 2.39 0.23
CA SER A 89 -19.72 1.38 -0.67
C SER A 89 -18.54 0.65 -0.06
N MET A 90 -17.84 1.27 0.90
CA MET A 90 -16.67 0.73 1.56
C MET A 90 -15.50 0.52 0.59
N ARG A 91 -15.49 1.25 -0.53
CA ARG A 91 -14.41 1.18 -1.50
C ARG A 91 -13.30 2.16 -1.12
N GLU A 92 -12.06 1.76 -1.36
CA GLU A 92 -10.92 2.60 -1.04
C GLU A 92 -10.67 3.61 -2.17
N LEU A 93 -10.85 4.90 -1.88
CA LEU A 93 -10.68 5.94 -2.89
C LEU A 93 -9.23 6.40 -3.02
N MET A 94 -8.44 6.34 -1.95
CA MET A 94 -7.10 6.91 -1.96
C MET A 94 -6.30 6.31 -0.81
N ARG A 95 -4.99 6.25 -1.00
CA ARG A 95 -4.06 5.92 0.07
C ARG A 95 -3.20 7.15 0.33
N ILE A 96 -3.05 7.50 1.59
CA ILE A 96 -2.25 8.65 2.00
C ILE A 96 -1.02 8.09 2.73
N PRO A 97 0.19 8.20 2.16
CA PRO A 97 1.37 7.66 2.85
C PRO A 97 1.71 8.53 4.05
N VAL A 98 2.12 7.87 5.14
CA VAL A 98 2.42 8.61 6.36
C VAL A 98 3.74 8.09 6.92
N PHE A 99 3.73 6.89 7.48
CA PHE A 99 4.94 6.29 8.03
C PHE A 99 5.55 5.24 7.10
N ASN A 100 4.81 4.80 6.09
CA ASN A 100 5.34 3.91 5.07
C ASN A 100 6.13 4.72 4.03
N VAL A 101 6.94 4.00 3.25
CA VAL A 101 7.57 4.54 2.04
C VAL A 101 6.70 4.12 0.86
N ASP A 102 6.17 5.10 0.14
CA ASP A 102 5.27 4.83 -0.99
C ASP A 102 6.03 5.03 -2.29
N SER A 103 6.27 3.91 -2.97
CA SER A 103 6.89 3.90 -4.29
C SER A 103 6.13 4.78 -5.27
N ALA A 104 4.80 4.83 -5.18
CA ALA A 104 4.01 5.51 -6.20
C ALA A 104 4.21 7.02 -6.17
N THR A 105 3.96 7.64 -5.03
CA THR A 105 4.08 9.08 -4.91
C THR A 105 5.50 9.51 -4.57
N GLY A 106 6.35 8.58 -4.14
CA GLY A 106 7.67 8.99 -3.66
C GLY A 106 7.74 9.43 -2.20
N TRP A 107 6.67 9.29 -1.43
CA TRP A 107 6.69 9.63 0.00
C TRP A 107 7.72 8.76 0.70
N GLY A 108 8.72 9.40 1.34
CA GLY A 108 9.86 8.72 1.91
C GLY A 108 11.10 8.78 1.05
N LEU A 109 10.94 9.09 -0.23
CA LEU A 109 12.03 9.27 -1.18
C LEU A 109 12.25 10.73 -1.56
N THR A 110 11.17 11.50 -1.73
CA THR A 110 11.29 12.89 -2.15
C THR A 110 11.90 13.75 -1.05
N ASN A 111 12.43 14.90 -1.48
CA ASN A 111 12.96 15.83 -0.48
C ASN A 111 11.83 16.44 0.36
N GLU A 112 10.65 16.64 -0.23
CA GLU A 112 9.58 17.29 0.54
C GLU A 112 9.07 16.38 1.64
N SER A 113 8.91 15.09 1.34
CA SER A 113 8.42 14.14 2.35
C SER A 113 9.48 13.91 3.42
N ARG A 114 10.75 13.80 3.02
CA ARG A 114 11.78 13.52 4.02
C ARG A 114 11.99 14.74 4.91
N HIS A 115 11.76 15.94 4.38
CA HIS A 115 11.78 17.14 5.22
C HIS A 115 10.69 17.07 6.28
N ILE A 116 9.46 16.72 5.90
CA ILE A 116 8.37 16.60 6.88
C ILE A 116 8.69 15.52 7.90
N MET A 117 9.20 14.38 7.43
CA MET A 117 9.52 13.29 8.36
C MET A 117 10.73 13.59 9.26
N GLY A 118 11.59 14.52 8.87
CA GLY A 118 12.77 14.84 9.67
C GLY A 118 13.69 13.64 9.79
N ASP A 119 14.33 13.52 10.96
CA ASP A 119 15.27 12.43 11.16
CA ASP A 119 15.28 12.44 11.15
C ASP A 119 14.59 11.07 11.05
N SER A 120 13.30 11.00 11.39
CA SER A 120 12.56 9.73 11.33
C SER A 120 12.32 9.25 9.91
N ALA A 121 12.75 10.02 8.90
CA ALA A 121 12.74 9.52 7.54
C ALA A 121 13.61 8.28 7.38
N LYS A 122 14.56 8.03 8.30
CA LYS A 122 15.34 6.80 8.27
C LYS A 122 14.53 5.53 8.51
N PHE A 123 13.35 5.63 9.12
CA PHE A 123 12.52 4.47 9.36
C PHE A 123 11.61 4.22 8.16
N LEU A 124 11.45 2.95 7.81
CA LEU A 124 10.59 2.55 6.70
C LEU A 124 9.26 1.99 7.17
N ASN A 125 8.95 2.10 8.46
CA ASN A 125 7.78 1.43 9.04
C ASN A 125 7.03 2.35 10.01
N GLY A 126 5.77 1.99 10.26
CA GLY A 126 4.94 2.63 11.26
C GLY A 126 3.92 1.60 11.73
N ASP A 127 3.21 1.96 12.79
CA ASP A 127 2.19 1.07 13.31
C ASP A 127 1.06 2.00 13.79
N CYS A 128 0.02 2.15 12.96
CA CYS A 128 -1.07 3.09 13.15
C CYS A 128 -2.29 2.41 13.77
N HIS A 129 -3.06 3.19 14.54
CA HIS A 129 -4.26 2.66 15.18
C HIS A 129 -5.45 3.61 15.17
N HIS A 130 -5.21 4.90 15.44
CA HIS A 130 -6.25 5.79 15.94
C HIS A 130 -6.37 7.08 15.13
N PRO A 131 -7.17 7.08 14.04
CA PRO A 131 -7.28 8.29 13.22
C PRO A 131 -8.38 9.20 13.71
N HIS A 132 -8.11 10.50 13.83
CA HIS A 132 -9.12 11.43 14.35
C HIS A 132 -9.06 12.75 13.60
N ILE A 133 -10.22 13.40 13.51
CA ILE A 133 -10.42 14.58 12.69
C ILE A 133 -10.65 15.78 13.58
N SER A 134 -10.01 16.90 13.24
CA SER A 134 -10.08 18.10 14.07
C SER A 134 -11.49 18.68 14.13
N MET A 135 -11.76 19.35 15.24
CA MET A 135 -13.09 19.81 15.58
C MET A 135 -13.07 21.29 15.95
N THR A 136 -14.20 21.95 15.68
CA THR A 136 -14.49 23.29 16.14
C THR A 136 -15.89 23.26 16.76
N ASP A 137 -15.99 23.68 18.01
CA ASP A 137 -17.25 23.68 18.72
C ASP A 137 -17.86 22.29 18.74
N GLY A 138 -17.02 21.26 18.91
CA GLY A 138 -17.51 19.90 19.01
C GLY A 138 -18.08 19.32 17.74
N LYS A 139 -17.74 19.87 16.57
CA LYS A 139 -18.17 19.35 15.27
C LYS A 139 -16.94 19.25 14.39
N TYR A 140 -16.89 18.25 13.51
CA TYR A 140 -15.72 18.14 12.61
C TYR A 140 -15.59 19.40 11.77
N ASP A 141 -14.37 19.95 11.67
CA ASP A 141 -14.20 21.14 10.85
C ASP A 141 -13.47 20.84 9.54
N GLY A 142 -13.11 19.59 9.28
CA GLY A 142 -12.52 19.24 8.01
C GLY A 142 -11.12 19.74 7.75
N LYS A 143 -10.43 20.26 8.76
CA LYS A 143 -9.10 20.83 8.56
C LYS A 143 -8.03 19.74 8.54
N TYR A 144 -7.92 18.97 9.62
CA TYR A 144 -6.83 18.02 9.79
C TYR A 144 -7.32 16.65 10.19
N LEU A 145 -6.52 15.64 9.82
CA LEU A 145 -6.58 14.31 10.41
C LEU A 145 -5.26 14.04 11.13
N PHE A 146 -5.33 13.50 12.35
CA PHE A 146 -4.16 13.09 13.11
C PHE A 146 -4.14 11.58 13.32
N ILE A 147 -2.93 11.00 13.42
CA ILE A 147 -2.81 9.57 13.64
C ILE A 147 -1.50 9.30 14.39
N ASN A 148 -1.49 8.21 15.15
CA ASN A 148 -0.35 7.75 15.95
C ASN A 148 0.55 6.80 15.18
N ASP A 149 1.78 6.67 15.67
CA ASP A 149 2.71 5.62 15.24
C ASP A 149 3.23 4.96 16.51
N LYS A 150 2.76 3.75 16.78
CA LYS A 150 3.22 3.02 17.96
C LYS A 150 4.64 2.50 17.76
N ALA A 151 5.06 2.25 16.51
CA ALA A 151 6.35 1.61 16.28
C ALA A 151 7.51 2.56 16.55
N ASN A 152 7.45 3.80 16.03
CA ASN A 152 8.55 4.74 16.20
C ASN A 152 8.13 6.03 16.92
N SER A 153 7.05 5.96 17.71
CA SER A 153 6.72 6.98 18.71
C SER A 153 6.43 8.36 18.08
N ARG A 154 5.54 8.38 17.09
CA ARG A 154 5.26 9.60 16.35
C ARG A 154 3.77 9.93 16.32
N VAL A 155 3.50 11.20 16.02
CA VAL A 155 2.17 11.66 15.65
C VAL A 155 2.31 12.36 14.32
N ALA A 156 1.39 12.08 13.41
CA ALA A 156 1.40 12.76 12.13
C ALA A 156 0.10 13.52 11.94
N ARG A 157 0.21 14.59 11.18
CA ARG A 157 -0.93 15.40 10.79
C ARG A 157 -1.13 15.28 9.29
N ILE A 158 -2.38 15.05 8.88
CA ILE A 158 -2.77 15.04 7.49
C ILE A 158 -3.65 16.25 7.22
N ARG A 159 -3.34 16.98 6.15
CA ARG A 159 -4.18 18.09 5.73
C ARG A 159 -5.28 17.55 4.82
N LEU A 160 -6.54 17.72 5.23
CA LEU A 160 -7.64 17.14 4.48
C LEU A 160 -7.97 17.90 3.20
N ASP A 161 -7.38 19.06 2.96
CA ASP A 161 -7.66 19.72 1.67
C ASP A 161 -6.79 19.14 0.56
N ILE A 162 -5.58 18.68 0.88
CA ILE A 162 -4.73 18.03 -0.12
C ILE A 162 -4.63 16.53 0.08
N MET A 163 -5.13 15.98 1.20
CA MET A 163 -5.03 14.56 1.51
C MET A 163 -3.56 14.09 1.48
N LYS A 164 -2.69 14.84 2.17
CA LYS A 164 -1.29 14.48 2.35
C LYS A 164 -0.89 14.73 3.80
N CYS A 165 0.03 13.91 4.29
CA CYS A 165 0.69 14.22 5.55
C CYS A 165 1.55 15.48 5.38
N ASP A 166 1.28 16.49 6.20
CA ASP A 166 2.02 17.74 6.08
C ASP A 166 2.91 18.04 7.27
N LYS A 167 2.75 17.33 8.39
CA LYS A 167 3.60 17.53 9.57
C LYS A 167 3.74 16.20 10.29
N MET A 168 4.87 16.05 10.98
CA MET A 168 5.11 14.84 11.74
C MET A 168 6.03 15.15 12.91
N ILE A 169 5.78 14.55 14.07
CA ILE A 169 6.61 14.79 15.24
C ILE A 169 6.95 13.46 15.91
N THR A 170 8.21 13.32 16.33
CA THR A 170 8.61 12.25 17.24
C THR A 170 8.44 12.75 18.67
N VAL A 171 7.53 12.14 19.43
CA VAL A 171 7.28 12.60 20.81
C VAL A 171 8.51 12.33 21.66
N PRO A 172 9.05 13.34 22.36
CA PRO A 172 10.33 13.17 23.07
C PRO A 172 10.18 12.37 24.36
N ASN A 173 11.22 11.61 24.69
CA ASN A 173 11.36 10.98 26.01
C ASN A 173 10.24 9.99 26.32
N VAL A 174 9.69 9.30 25.31
CA VAL A 174 8.64 8.31 25.49
C VAL A 174 8.91 7.14 24.53
N GLN A 175 8.22 6.02 24.78
CA GLN A 175 8.20 4.92 23.81
C GLN A 175 6.75 4.49 23.55
N ALA A 176 6.38 4.50 22.27
CA ALA A 176 5.20 3.88 21.68
C ALA A 176 3.97 4.76 21.86
N ILE A 177 3.67 5.59 20.87
CA ILE A 177 2.45 6.39 20.91
C ILE A 177 1.30 5.52 20.42
N HIS A 178 0.33 5.27 21.30
CA HIS A 178 -0.76 4.38 20.92
C HIS A 178 -2.08 5.14 20.97
N GLY A 179 -2.71 5.19 22.13
CA GLY A 179 -3.93 5.98 22.27
C GLY A 179 -3.75 7.41 21.78
N LEU A 180 -4.78 7.93 21.10
CA LEU A 180 -4.74 9.28 20.57
C LEU A 180 -6.16 9.79 20.33
N ARG A 181 -6.45 11.01 20.76
CA ARG A 181 -7.71 11.66 20.45
C ARG A 181 -7.55 13.17 20.59
N LEU A 182 -8.56 13.90 20.11
CA LEU A 182 -8.42 15.34 19.97
C LEU A 182 -9.33 16.09 20.95
N GLN A 183 -8.83 17.22 21.42
CA GLN A 183 -9.69 18.19 22.10
C GLN A 183 -10.86 18.54 21.19
N LYS A 184 -12.05 18.64 21.77
CA LYS A 184 -13.28 18.93 21.01
C LYS A 184 -13.70 20.39 21.06
N VAL A 185 -13.56 21.02 22.22
CA VAL A 185 -14.15 22.32 22.52
C VAL A 185 -13.08 23.16 23.20
N PRO A 186 -12.95 24.46 22.86
CA PRO A 186 -13.70 25.18 21.81
C PRO A 186 -13.29 24.78 20.39
N HIS A 187 -12.12 24.17 20.27
CA HIS A 187 -11.66 23.53 19.05
C HIS A 187 -10.52 22.60 19.40
N THR A 188 -9.97 21.94 18.39
CA THR A 188 -8.83 21.05 18.59
C THR A 188 -7.56 21.90 18.74
N LYS A 189 -7.39 22.46 19.94
CA LYS A 189 -6.13 23.13 20.25
C LYS A 189 -5.04 22.09 20.49
N TYR A 190 -5.36 21.03 21.23
CA TYR A 190 -4.41 19.96 21.52
C TYR A 190 -4.77 18.64 20.86
N VAL A 191 -3.73 17.92 20.45
CA VAL A 191 -3.80 16.48 20.18
C VAL A 191 -3.32 15.77 21.44
N PHE A 192 -4.13 14.88 22.00
CA PHE A 192 -3.72 14.13 23.19
C PHE A 192 -3.23 12.74 22.79
N ALA A 193 -2.05 12.36 23.25
CA ALA A 193 -1.41 11.13 22.81
C ALA A 193 -0.86 10.34 23.99
N ASN A 194 -1.20 9.07 24.05
CA ASN A 194 -0.75 8.18 25.12
C ASN A 194 0.58 7.57 24.69
N ALA A 195 1.60 7.64 25.56
CA ALA A 195 2.79 6.80 25.39
C ALA A 195 2.58 5.54 26.21
N GLU A 196 2.68 4.37 25.57
CA GLU A 196 2.18 3.18 26.27
C GLU A 196 3.16 2.61 27.30
N PHE A 197 4.45 2.64 27.04
CA PHE A 197 5.41 1.80 27.76
C PHE A 197 6.22 2.59 28.78
N ILE A 198 6.35 2.05 29.99
CA ILE A 198 7.13 2.71 31.04
C ILE A 198 8.62 2.57 30.74
N ILE A 199 9.37 3.66 30.86
CA ILE A 199 10.79 3.62 30.56
C ILE A 199 11.57 4.41 31.62
N PRO A 200 12.86 4.12 31.77
CA PRO A 200 13.69 4.90 32.70
C PRO A 200 13.92 6.33 32.21
N HIS A 201 14.05 7.25 33.16
CA HIS A 201 14.36 8.65 32.86
C HIS A 201 15.56 9.10 33.69
N PRO A 202 16.72 9.35 33.08
CA PRO A 202 16.96 9.20 31.65
C PRO A 202 17.11 7.74 31.26
N ASN A 203 16.99 7.46 29.99
CA ASN A 203 17.10 6.09 29.49
C ASN A 203 18.47 5.89 28.88
N ASP A 204 19.51 6.04 29.72
CA ASP A 204 20.88 6.10 29.24
C ASP A 204 21.63 4.80 29.49
N GLY A 205 20.94 3.77 29.96
CA GLY A 205 21.54 2.48 30.18
C GLY A 205 22.22 2.30 31.52
N LYS A 206 22.13 3.29 32.41
CA LYS A 206 22.55 3.08 33.80
C LYS A 206 21.48 2.31 34.58
N VAL A 207 20.22 2.69 34.42
CA VAL A 207 19.12 2.10 35.19
C VAL A 207 18.17 1.41 34.21
N PHE A 208 17.94 0.11 34.41
CA PHE A 208 16.95 -0.64 33.66
C PHE A 208 15.70 -0.95 34.47
N ASP A 209 15.71 -0.62 35.75
CA ASP A 209 14.66 -1.01 36.69
C ASP A 209 13.35 -0.27 36.42
N LEU A 210 12.30 -1.00 36.06
CA LEU A 210 11.06 -0.31 35.72
C LEU A 210 10.25 0.10 36.95
N GLN A 211 10.68 -0.28 38.15
CA GLN A 211 10.04 0.21 39.36
C GLN A 211 10.85 1.33 40.02
N ASP A 212 11.96 1.73 39.41
CA ASP A 212 12.71 2.89 39.86
C ASP A 212 11.80 4.12 39.92
N GLU A 213 12.11 5.03 40.83
CA GLU A 213 11.29 6.23 40.97
C GLU A 213 11.29 7.09 39.71
N ASN A 214 12.27 6.94 38.81
CA ASN A 214 12.27 7.75 37.60
C ASN A 214 11.87 6.96 36.37
N SER A 215 11.23 5.82 36.56
CA SER A 215 10.71 4.99 35.49
C SER A 215 9.21 5.25 35.41
N TYR A 216 8.74 5.66 34.25
CA TYR A 216 7.33 6.04 34.12
C TYR A 216 7.06 6.28 32.64
N THR A 217 5.79 6.43 32.31
CA THR A 217 5.43 6.97 31.03
C THR A 217 4.64 8.26 31.22
N MET A 218 4.26 8.91 30.11
CA MET A 218 3.67 10.24 30.19
C MET A 218 2.52 10.36 29.18
N TYR A 219 1.55 11.17 29.59
CA TYR A 219 0.50 11.72 28.73
C TYR A 219 1.05 12.89 27.93
N ASN A 220 0.71 12.96 26.65
CA ASN A 220 1.35 13.91 25.75
C ASN A 220 0.32 14.83 25.10
N ALA A 221 0.61 16.13 25.09
CA ALA A 221 -0.24 17.12 24.41
C ALA A 221 0.60 17.78 23.33
N ILE A 222 0.12 17.70 22.10
CA ILE A 222 0.77 18.33 20.96
C ILE A 222 -0.11 19.48 20.52
N ASP A 223 0.49 20.62 20.27
CA ASP A 223 -0.19 21.76 19.68
C ASP A 223 -0.64 21.36 18.28
N ALA A 224 -1.96 21.24 18.06
CA ALA A 224 -2.47 20.75 16.78
C ALA A 224 -2.03 21.61 15.61
N GLU A 225 -1.91 22.92 15.82
CA GLU A 225 -1.68 23.81 14.70
C GLU A 225 -0.19 23.93 14.37
N THR A 226 0.66 23.97 15.37
CA THR A 226 2.09 24.07 15.10
C THR A 226 2.77 22.70 15.01
N MET A 227 2.13 21.65 15.51
CA MET A 227 2.71 20.29 15.60
C MET A 227 4.06 20.33 16.34
N GLU A 228 4.13 21.18 17.35
CA GLU A 228 5.16 21.16 18.40
C GLU A 228 4.51 20.62 19.66
N MET A 229 5.33 20.04 20.56
CA MET A 229 4.84 19.65 21.87
C MET A 229 4.30 20.86 22.62
N ALA A 230 3.18 20.65 23.31
CA ALA A 230 2.67 21.61 24.28
C ALA A 230 3.11 21.29 25.70
N PHE A 231 2.90 20.05 26.14
CA PHE A 231 3.26 19.65 27.49
C PHE A 231 3.15 18.14 27.63
N GLN A 232 3.74 17.62 28.69
CA GLN A 232 3.69 16.19 29.01
C GLN A 232 3.35 16.07 30.49
N VAL A 233 2.55 15.07 30.83
CA VAL A 233 2.15 14.85 32.22
C VAL A 233 2.58 13.44 32.62
N ILE A 234 3.51 13.35 33.59
CA ILE A 234 3.89 12.05 34.11
C ILE A 234 2.68 11.44 34.82
N VAL A 235 2.45 10.15 34.61
CA VAL A 235 1.34 9.45 35.26
C VAL A 235 1.86 8.20 35.97
N ASP A 236 1.03 7.67 36.87
CA ASP A 236 1.22 6.32 37.39
C ASP A 236 0.64 5.31 36.41
N GLY A 237 1.35 4.19 36.21
CA GLY A 237 0.82 3.12 35.38
C GLY A 237 1.13 3.27 33.91
N ASN A 238 0.50 2.40 33.10
CA ASN A 238 0.61 2.42 31.63
C ASN A 238 -0.66 3.01 31.05
N LEU A 239 -0.53 3.82 30.02
CA LEU A 239 -1.70 4.43 29.37
C LEU A 239 -2.18 3.57 28.20
N ASP A 240 -3.51 3.48 28.06
CA ASP A 240 -4.09 2.70 26.98
C ASP A 240 -4.76 3.66 26.00
N ASN A 241 -6.03 4.00 26.19
CA ASN A 241 -6.74 4.88 25.27
C ASN A 241 -7.13 6.18 25.98
N THR A 242 -7.57 7.17 25.22
CA THR A 242 -7.88 8.48 25.81
C THR A 242 -9.01 9.15 25.03
N ASP A 243 -9.75 10.05 25.68
CA ASP A 243 -10.70 10.92 24.99
C ASP A 243 -10.76 12.24 25.75
N ALA A 244 -11.55 13.18 25.22
CA ALA A 244 -11.65 14.53 25.78
C ALA A 244 -13.11 14.91 25.97
N ASP A 245 -13.36 15.90 26.85
CA ASP A 245 -14.75 16.28 27.11
C ASP A 245 -15.26 17.27 26.05
N TYR A 246 -16.41 17.90 26.30
CA TYR A 246 -16.94 18.95 25.43
C TYR A 246 -16.81 20.34 26.07
N THR A 247 -15.74 20.58 26.83
CA THR A 247 -15.52 21.96 27.31
C THR A 247 -14.09 22.42 27.09
N GLY A 248 -13.15 21.49 27.07
CA GLY A 248 -11.75 21.81 27.02
C GLY A 248 -11.06 21.68 28.36
N ARG A 249 -11.82 21.54 29.45
CA ARG A 249 -11.15 21.45 30.74
C ARG A 249 -10.57 20.07 30.98
N PHE A 250 -11.28 19.01 30.59
CA PHE A 250 -10.95 17.67 31.01
C PHE A 250 -10.60 16.74 29.86
N ALA A 251 -9.73 15.79 30.16
CA ALA A 251 -9.36 14.68 29.30
C ALA A 251 -9.20 13.48 30.22
N ALA A 252 -9.23 12.29 29.64
CA ALA A 252 -9.17 11.09 30.45
C ALA A 252 -8.49 10.00 29.64
N ALA A 253 -7.89 9.06 30.37
CA ALA A 253 -7.22 7.94 29.73
C ALA A 253 -7.39 6.70 30.59
N THR A 254 -7.59 5.56 29.94
CA THR A 254 -7.54 4.31 30.68
C THR A 254 -6.09 3.96 30.97
N CYS A 255 -5.85 3.32 32.11
CA CYS A 255 -4.52 2.83 32.49
C CYS A 255 -4.58 1.36 32.93
N TYR A 256 -3.60 0.56 32.51
CA TYR A 256 -3.66 -0.86 32.83
C TYR A 256 -2.57 -1.40 33.74
N ASN A 257 -1.56 -0.62 34.10
CA ASN A 257 -0.67 -1.13 35.13
C ASN A 257 -0.89 -0.40 36.44
N SER A 258 -0.36 -0.99 37.50
CA SER A 258 -0.56 -0.49 38.86
C SER A 258 -2.04 -0.24 39.19
N GLU A 271 -6.90 -5.85 41.04
CA GLU A 271 -8.35 -6.03 40.92
C GLU A 271 -8.99 -4.80 40.27
N ARG A 272 -8.33 -3.65 40.41
CA ARG A 272 -8.83 -2.41 39.83
C ARG A 272 -7.65 -1.61 39.28
N ASP A 273 -7.76 -1.21 38.02
CA ASP A 273 -6.84 -0.21 37.49
C ASP A 273 -7.56 1.13 37.55
N TRP A 274 -7.38 2.01 36.58
CA TRP A 274 -8.09 3.28 36.70
C TRP A 274 -8.31 3.91 35.34
N VAL A 275 -9.16 4.94 35.33
CA VAL A 275 -9.07 6.00 34.33
C VAL A 275 -8.45 7.20 35.04
N VAL A 276 -7.38 7.71 34.49
CA VAL A 276 -6.80 8.95 34.99
C VAL A 276 -7.48 10.11 34.27
N VAL A 277 -7.93 11.08 35.04
CA VAL A 277 -8.55 12.27 34.48
C VAL A 277 -7.56 13.42 34.64
N PHE A 278 -7.41 14.21 33.57
CA PHE A 278 -6.51 15.36 33.57
C PHE A 278 -7.34 16.63 33.67
N ASP A 279 -6.95 17.53 34.58
CA ASP A 279 -7.46 18.91 34.57
C ASP A 279 -6.53 19.72 33.68
N ILE A 280 -6.89 19.79 32.40
CA ILE A 280 -6.05 20.49 31.42
C ILE A 280 -5.92 21.98 31.75
N HIS A 281 -6.96 22.59 32.34
CA HIS A 281 -6.84 23.98 32.79
C HIS A 281 -5.75 24.13 33.86
N ALA A 282 -5.69 23.19 34.81
CA ALA A 282 -4.65 23.28 35.83
C ALA A 282 -3.26 23.09 35.22
N VAL A 283 -3.14 22.16 34.27
CA VAL A 283 -1.86 21.98 33.58
C VAL A 283 -1.47 23.27 32.87
N GLU A 284 -2.40 23.83 32.11
CA GLU A 284 -2.13 25.07 31.40
C GLU A 284 -1.70 26.17 32.36
N ALA A 285 -2.40 26.30 33.50
CA ALA A 285 -2.05 27.34 34.47
C ALA A 285 -0.62 27.16 34.97
N ALA A 286 -0.20 25.92 35.20
CA ALA A 286 1.15 25.65 35.69
C ALA A 286 2.21 25.98 34.64
N VAL A 287 1.93 25.63 33.38
CA VAL A 287 2.86 25.98 32.31
C VAL A 287 3.01 27.49 32.18
N LYS A 288 1.88 28.22 32.19
CA LYS A 288 1.97 29.68 32.13
C LYS A 288 2.75 30.25 33.30
N ALA A 289 2.65 29.63 34.47
CA ALA A 289 3.39 30.11 35.63
C ALA A 289 4.84 29.66 35.65
N GLY A 290 5.24 28.81 34.71
CA GLY A 290 6.60 28.30 34.72
C GLY A 290 6.86 27.19 35.71
N ASP A 291 5.83 26.62 36.32
CA ASP A 291 5.99 25.59 37.34
C ASP A 291 6.04 24.22 36.67
N PHE A 292 7.17 23.94 36.04
CA PHE A 292 7.37 22.66 35.35
C PHE A 292 8.87 22.39 35.28
N ILE A 293 9.21 21.15 34.93
CA ILE A 293 10.59 20.78 34.63
C ILE A 293 10.69 20.43 33.14
N THR A 294 11.92 20.19 32.68
CA THR A 294 12.14 19.59 31.38
C THR A 294 13.00 18.33 31.53
N LEU A 295 12.88 17.44 30.55
CA LEU A 295 13.57 16.15 30.53
C LEU A 295 14.56 16.10 29.38
N GLY A 296 15.81 15.76 29.70
CA GLY A 296 16.83 15.59 28.67
C GLY A 296 17.00 16.86 27.85
N ASP A 297 17.11 16.70 26.55
CA ASP A 297 17.33 17.87 25.71
C ASP A 297 16.05 18.38 25.05
N SER A 298 14.88 18.02 25.57
CA SER A 298 13.61 18.52 25.07
C SER A 298 13.16 19.71 25.90
N LYS A 299 12.73 20.78 25.23
CA LYS A 299 12.19 21.95 25.94
C LYS A 299 10.76 21.75 26.42
N THR A 300 10.15 20.59 26.16
CA THR A 300 8.74 20.38 26.49
C THR A 300 8.48 20.56 27.99
N PRO A 301 7.52 21.39 28.38
CA PRO A 301 7.16 21.46 29.79
C PRO A 301 6.62 20.12 30.29
N VAL A 302 7.17 19.65 31.40
CA VAL A 302 6.81 18.36 31.98
C VAL A 302 6.22 18.59 33.37
N LEU A 303 4.97 18.15 33.55
CA LEU A 303 4.26 18.24 34.82
C LEU A 303 4.15 16.85 35.44
N ASP A 304 4.14 16.79 36.78
CA ASP A 304 4.14 15.51 37.47
C ASP A 304 2.73 15.21 37.95
N GLY A 305 2.06 14.30 37.26
CA GLY A 305 0.70 13.91 37.57
C GLY A 305 0.57 12.62 38.36
N ARG A 306 1.66 12.12 38.94
CA ARG A 306 1.62 10.94 39.80
C ARG A 306 1.08 11.29 41.17
N LYS A 307 0.56 10.28 41.87
CA LYS A 307 0.29 10.42 43.30
C LYS A 307 1.59 10.34 44.09
N LYS A 308 1.70 11.18 45.13
CA LYS A 308 2.87 11.19 46.00
C LYS A 308 2.41 10.89 47.42
N ASP A 309 2.81 9.73 47.95
CA ASP A 309 2.47 9.34 49.32
C ASP A 309 0.97 9.48 49.54
N GLY A 310 0.21 8.98 48.57
CA GLY A 310 -1.23 9.06 48.59
C GLY A 310 -1.81 10.41 48.27
N LYS A 311 -0.98 11.44 48.11
CA LYS A 311 -1.47 12.79 47.88
C LYS A 311 -1.64 13.03 46.38
N ASP A 312 -2.78 13.57 46.01
CA ASP A 312 -3.06 13.78 44.61
C ASP A 312 -2.27 14.96 44.07
N SER A 313 -1.94 14.87 42.80
CA SER A 313 -1.51 16.00 42.00
C SER A 313 -2.66 16.99 41.77
N LYS A 314 -2.31 18.25 41.51
CA LYS A 314 -3.27 19.21 40.98
C LYS A 314 -3.75 18.84 39.57
N PHE A 315 -2.98 18.03 38.84
CA PHE A 315 -3.26 17.85 37.43
C PHE A 315 -4.12 16.62 37.15
N THR A 316 -4.20 15.69 38.09
CA THR A 316 -4.79 14.37 37.83
C THR A 316 -5.61 13.89 39.01
N ARG A 317 -6.59 13.05 38.70
CA ARG A 317 -7.34 12.23 39.64
C ARG A 317 -7.39 10.81 39.07
N TYR A 318 -7.24 9.82 39.93
CA TYR A 318 -7.24 8.41 39.52
C TYR A 318 -8.57 7.78 39.96
N VAL A 319 -9.40 7.40 38.99
CA VAL A 319 -10.73 6.87 39.26
C VAL A 319 -10.65 5.34 39.13
N PRO A 320 -10.81 4.59 40.22
CA PRO A 320 -10.71 3.12 40.13
C PRO A 320 -11.78 2.54 39.23
N VAL A 321 -11.35 1.69 38.31
CA VAL A 321 -12.21 1.12 37.27
C VAL A 321 -11.70 -0.29 36.94
N PRO A 322 -12.56 -1.31 36.97
CA PRO A 322 -12.14 -2.64 36.51
C PRO A 322 -12.20 -2.78 34.99
N LYS A 323 -11.29 -3.58 34.44
CA LYS A 323 -10.19 -4.27 35.09
C LYS A 323 -9.24 -4.45 33.93
N ASN A 324 -8.06 -3.82 33.97
CA ASN A 324 -7.31 -3.54 32.74
C ASN A 324 -8.22 -2.86 31.72
N PRO A 325 -8.90 -1.78 32.10
CA PRO A 325 -9.88 -1.18 31.17
C PRO A 325 -9.21 -0.74 29.89
N HIS A 326 -9.99 -0.74 28.82
CA HIS A 326 -9.39 -0.54 27.50
C HIS A 326 -9.93 0.71 26.80
N GLY A 327 -11.09 0.62 26.15
CA GLY A 327 -11.62 1.79 25.47
C GLY A 327 -11.93 2.91 26.44
N CYS A 328 -11.77 4.14 25.95
CA CYS A 328 -12.08 5.33 26.75
C CYS A 328 -12.80 6.28 25.79
N ASN A 329 -14.13 6.36 25.89
CA ASN A 329 -14.94 7.01 24.86
C ASN A 329 -15.90 8.03 25.45
N THR A 330 -15.89 9.24 24.92
CA THR A 330 -16.78 10.31 25.37
C THR A 330 -18.12 10.25 24.64
N SER A 331 -19.20 10.18 25.41
CA SER A 331 -20.53 10.16 24.79
C SER A 331 -20.79 11.49 24.07
N SER A 332 -21.55 11.39 22.98
CA SER A 332 -21.77 12.57 22.13
C SER A 332 -22.60 13.66 22.81
N ASP A 333 -23.38 13.35 23.84
CA ASP A 333 -24.03 14.37 24.65
C ASP A 333 -23.09 15.02 25.66
N GLY A 334 -21.82 14.63 25.65
CA GLY A 334 -20.83 15.14 26.56
C GLY A 334 -21.01 14.75 28.02
N LYS A 335 -21.88 13.81 28.34
CA LYS A 335 -22.12 13.52 29.75
C LYS A 335 -21.09 12.56 30.36
N TYR A 336 -20.54 11.62 29.57
CA TYR A 336 -19.78 10.51 30.15
C TYR A 336 -18.44 10.28 29.46
N PHE A 337 -17.43 9.95 30.26
CA PHE A 337 -16.34 9.11 29.81
C PHE A 337 -16.73 7.66 30.08
N ILE A 338 -16.75 6.81 29.05
CA ILE A 338 -17.16 5.42 29.20
C ILE A 338 -15.91 4.57 28.98
N ALA A 339 -15.50 3.86 30.03
CA ALA A 339 -14.32 3.01 29.97
C ALA A 339 -14.78 1.58 29.83
N ALA A 340 -14.29 0.89 28.81
CA ALA A 340 -14.70 -0.49 28.55
C ALA A 340 -13.90 -1.44 29.43
N GLY A 341 -14.60 -2.40 30.03
CA GLY A 341 -14.04 -3.17 31.14
C GLY A 341 -13.05 -4.24 30.77
N LYS A 342 -13.04 -4.69 29.51
CA LYS A 342 -12.17 -5.77 29.01
C LYS A 342 -12.26 -7.04 29.86
N LEU A 343 -11.47 -7.13 30.92
CA LEU A 343 -11.50 -8.34 31.77
C LEU A 343 -12.75 -8.39 32.64
N SER A 344 -13.32 -7.23 32.97
CA SER A 344 -14.60 -7.09 33.62
C SER A 344 -15.69 -7.03 32.55
N PRO A 345 -16.79 -7.76 32.69
CA PRO A 345 -17.79 -7.78 31.62
C PRO A 345 -18.71 -6.56 31.65
N THR A 346 -18.12 -5.38 31.90
CA THR A 346 -18.82 -4.15 32.20
C THR A 346 -18.23 -3.01 31.39
N CYS A 347 -18.93 -1.89 31.37
CA CYS A 347 -18.34 -0.59 31.11
C CYS A 347 -18.54 0.25 32.37
N SER A 348 -17.65 1.21 32.61
CA SER A 348 -17.79 2.14 33.73
C SER A 348 -18.05 3.52 33.16
N MET A 349 -19.06 4.20 33.71
CA MET A 349 -19.52 5.49 33.18
C MET A 349 -19.12 6.58 34.17
N ILE A 350 -18.21 7.44 33.76
CA ILE A 350 -17.80 8.57 34.59
C ILE A 350 -18.60 9.80 34.21
N ALA A 351 -19.27 10.39 35.19
CA ALA A 351 -20.06 11.61 34.98
C ALA A 351 -19.12 12.81 34.87
N ILE A 352 -18.97 13.34 33.67
CA ILE A 352 -18.09 14.48 33.46
C ILE A 352 -18.53 15.69 34.30
N ASP A 353 -19.84 15.87 34.52
CA ASP A 353 -20.26 17.01 35.33
C ASP A 353 -19.95 16.84 36.82
N LYS A 354 -19.46 15.68 37.26
CA LYS A 354 -18.97 15.54 38.63
C LYS A 354 -17.46 15.77 38.75
N LEU A 355 -16.76 15.92 37.66
CA LEU A 355 -15.31 16.07 37.74
C LEU A 355 -14.91 17.38 38.41
N PRO A 356 -15.57 18.53 38.16
CA PRO A 356 -15.19 19.74 38.92
C PRO A 356 -15.21 19.52 40.43
N ASP A 357 -16.27 18.88 40.94
CA ASP A 357 -16.32 18.56 42.37
C ASP A 357 -15.16 17.65 42.77
N LEU A 358 -14.86 16.64 41.96
CA LEU A 358 -13.76 15.74 42.28
C LEU A 358 -12.46 16.52 42.47
N PHE A 359 -12.12 17.39 41.53
CA PHE A 359 -10.84 18.07 41.65
C PHE A 359 -10.84 19.09 42.78
N ALA A 360 -11.99 19.71 43.04
CA ALA A 360 -12.15 20.68 44.12
C ALA A 360 -12.17 20.02 45.50
N GLY A 361 -12.06 18.70 45.56
CA GLY A 361 -12.07 18.03 46.85
C GLY A 361 -13.42 17.99 47.53
N LYS A 362 -14.50 17.96 46.77
CA LYS A 362 -15.83 17.94 47.38
C LYS A 362 -16.45 16.56 47.43
N LEU A 363 -15.83 15.57 46.80
CA LEU A 363 -16.34 14.21 46.80
C LEU A 363 -15.51 13.35 47.73
N ALA A 364 -16.18 12.44 48.44
CA ALA A 364 -15.52 11.65 49.46
C ALA A 364 -14.57 10.60 48.88
N ASP A 365 -14.79 10.17 47.65
CA ASP A 365 -14.16 8.99 47.08
C ASP A 365 -14.14 9.19 45.57
N PRO A 366 -13.00 8.99 44.90
CA PRO A 366 -12.98 9.09 43.43
C PRO A 366 -14.01 8.18 42.76
N ARG A 367 -14.49 7.14 43.44
CA ARG A 367 -15.53 6.29 42.88
C ARG A 367 -16.87 7.01 42.76
N ASP A 368 -17.05 8.14 43.45
CA ASP A 368 -18.32 8.87 43.41
C ASP A 368 -18.64 9.45 42.03
N VAL A 369 -17.65 9.65 41.16
CA VAL A 369 -17.94 10.12 39.79
C VAL A 369 -18.43 9.01 38.88
N ILE A 370 -18.37 7.75 39.31
CA ILE A 370 -18.92 6.64 38.56
C ILE A 370 -20.42 6.65 38.79
N VAL A 371 -21.20 6.73 37.70
CA VAL A 371 -22.65 6.75 37.81
C VAL A 371 -23.30 5.61 37.07
N GLY A 372 -22.52 4.72 36.47
CA GLY A 372 -23.08 3.57 35.80
C GLY A 372 -22.00 2.53 35.64
N GLU A 373 -22.40 1.28 35.68
CA GLU A 373 -21.48 0.19 35.44
C GLU A 373 -22.30 -0.96 34.84
N PRO A 374 -22.86 -0.76 33.64
CA PRO A 374 -23.73 -1.79 33.06
C PRO A 374 -22.96 -3.09 32.83
N GLU A 375 -23.64 -4.21 33.04
CA GLU A 375 -23.08 -5.50 32.68
C GLU A 375 -23.54 -5.84 31.27
N LEU A 376 -22.59 -6.07 30.36
CA LEU A 376 -22.89 -6.13 28.93
C LEU A 376 -22.58 -7.47 28.28
N GLY A 377 -21.52 -8.13 28.69
CA GLY A 377 -21.08 -9.33 28.00
C GLY A 377 -19.59 -9.50 28.12
N LEU A 378 -19.08 -10.55 27.46
CA LEU A 378 -17.70 -10.97 27.67
C LEU A 378 -16.77 -10.19 26.75
N GLY A 379 -15.80 -9.49 27.35
CA GLY A 379 -14.76 -8.80 26.65
C GLY A 379 -15.11 -7.44 26.05
N PRO A 380 -15.71 -6.52 26.83
CA PRO A 380 -16.01 -5.19 26.28
C PRO A 380 -14.73 -4.44 25.96
N LEU A 381 -14.64 -3.89 24.76
CA LEU A 381 -13.40 -3.21 24.42
C LEU A 381 -13.55 -1.74 24.05
N HIS A 382 -14.60 -1.37 23.31
N HIS A 382 -14.59 -1.38 23.28
CA HIS A 382 -14.75 0.00 22.83
CA HIS A 382 -14.78 -0.03 22.76
C HIS A 382 -16.23 0.32 22.70
C HIS A 382 -16.25 0.32 22.81
N THR A 383 -16.55 1.62 22.78
CA THR A 383 -17.94 2.09 22.79
C THR A 383 -18.10 3.24 21.82
N THR A 384 -19.25 3.30 21.14
CA THR A 384 -19.56 4.42 20.27
C THR A 384 -21.04 4.78 20.47
N PHE A 385 -21.52 5.84 19.77
CA PHE A 385 -22.79 6.45 20.14
C PHE A 385 -23.58 6.81 18.90
N ASP A 386 -24.91 6.65 18.98
CA ASP A 386 -25.75 7.00 17.84
C ASP A 386 -26.36 8.40 17.93
N GLY A 387 -26.09 9.14 19.01
CA GLY A 387 -26.71 10.44 19.21
C GLY A 387 -28.15 10.37 19.67
N ARG A 388 -28.74 9.18 19.77
CA ARG A 388 -30.12 9.03 20.21
C ARG A 388 -30.20 8.59 21.65
N GLY A 389 -29.06 8.44 22.32
CA GLY A 389 -29.03 8.03 23.71
C GLY A 389 -28.53 6.62 23.90
N ASN A 390 -28.22 5.92 22.83
CA ASN A 390 -27.66 4.58 22.93
C ASN A 390 -26.15 4.62 22.78
N ALA A 391 -25.52 3.69 23.50
CA ALA A 391 -24.14 3.31 23.29
C ALA A 391 -24.09 1.95 22.62
N TYR A 392 -23.02 1.72 21.88
CA TYR A 392 -22.76 0.47 21.16
C TYR A 392 -21.35 0.03 21.56
N THR A 393 -21.23 -1.19 22.06
CA THR A 393 -19.98 -1.66 22.63
C THR A 393 -19.59 -3.00 22.02
N THR A 394 -18.30 -3.13 21.65
CA THR A 394 -17.79 -4.40 21.13
C THR A 394 -17.59 -5.39 22.27
N LEU A 395 -18.02 -6.63 22.05
CA LEU A 395 -17.80 -7.73 22.98
C LEU A 395 -16.82 -8.70 22.32
N PHE A 396 -15.56 -8.66 22.75
CA PHE A 396 -14.52 -9.34 21.98
C PHE A 396 -14.64 -10.85 22.12
N ILE A 397 -14.99 -11.33 23.32
CA ILE A 397 -15.08 -12.76 23.56
C ILE A 397 -16.40 -13.30 23.01
N ASP A 398 -17.51 -12.65 23.37
CA ASP A 398 -18.81 -13.05 22.85
C ASP A 398 -18.95 -12.77 21.34
N SER A 399 -18.05 -11.97 20.76
CA SER A 399 -18.02 -11.64 19.33
C SER A 399 -19.33 -10.98 18.88
N GLN A 400 -19.65 -9.87 19.54
CA GLN A 400 -20.91 -9.17 19.31
C GLN A 400 -20.69 -7.67 19.41
N VAL A 401 -21.67 -6.92 18.91
CA VAL A 401 -21.89 -5.53 19.26
C VAL A 401 -23.15 -5.50 20.11
N VAL A 402 -23.08 -4.89 21.30
CA VAL A 402 -24.25 -4.76 22.17
C VAL A 402 -24.70 -3.30 22.18
N LYS A 403 -25.98 -3.08 21.90
CA LYS A 403 -26.60 -1.76 21.93
C LYS A 403 -27.28 -1.55 23.27
N TRP A 404 -26.98 -0.45 23.93
CA TRP A 404 -27.55 -0.24 25.26
C TRP A 404 -27.84 1.23 25.50
N ASN A 405 -28.78 1.50 26.41
CA ASN A 405 -29.25 2.85 26.64
C ASN A 405 -28.54 3.42 27.87
N MET A 406 -27.87 4.55 27.69
CA MET A 406 -26.97 5.03 28.72
C MET A 406 -27.73 5.53 29.95
N GLU A 407 -28.83 6.26 29.76
CA GLU A 407 -29.55 6.75 30.93
C GLU A 407 -30.24 5.63 31.68
N GLU A 408 -30.64 4.56 30.99
CA GLU A 408 -31.21 3.43 31.70
C GLU A 408 -30.14 2.71 32.52
N ALA A 409 -28.93 2.57 31.98
CA ALA A 409 -27.81 2.02 32.74
C ALA A 409 -27.57 2.83 34.00
N VAL A 410 -27.67 4.16 33.90
CA VAL A 410 -27.41 5.01 35.06
C VAL A 410 -28.47 4.77 36.12
N ARG A 411 -29.72 4.57 35.72
CA ARG A 411 -30.79 4.31 36.68
C ARG A 411 -30.64 2.91 37.28
N ALA A 412 -30.24 1.94 36.45
CA ALA A 412 -29.95 0.60 36.97
C ALA A 412 -28.87 0.64 38.04
N TYR A 413 -27.82 1.45 37.83
CA TYR A 413 -26.74 1.55 38.82
C TYR A 413 -27.23 2.02 40.18
N LYS A 414 -28.29 2.81 40.20
CA LYS A 414 -28.91 3.24 41.44
C LYS A 414 -29.84 2.18 42.01
N GLY A 415 -30.12 1.12 41.27
CA GLY A 415 -30.92 0.02 41.77
C GLY A 415 -32.28 -0.17 41.13
N GLU A 416 -32.63 0.59 40.10
CA GLU A 416 -33.89 0.36 39.44
C GLU A 416 -33.80 -0.89 38.57
N LYS A 417 -34.93 -1.58 38.46
CA LYS A 417 -35.02 -2.85 37.73
C LYS A 417 -35.44 -2.52 36.30
N VAL A 418 -34.46 -2.12 35.49
CA VAL A 418 -34.70 -1.69 34.12
C VAL A 418 -33.66 -2.34 33.22
N ASN A 419 -34.11 -2.95 32.13
CA ASN A 419 -33.19 -3.53 31.17
C ASN A 419 -32.71 -2.47 30.20
N TYR A 420 -31.43 -2.11 30.29
CA TYR A 420 -30.83 -1.14 29.41
C TYR A 420 -30.29 -1.76 28.14
N ILE A 421 -30.24 -3.09 28.05
CA ILE A 421 -29.70 -3.73 26.87
C ILE A 421 -30.80 -3.83 25.83
N LYS A 422 -30.52 -3.37 24.60
CA LYS A 422 -31.53 -3.37 23.57
C LYS A 422 -31.34 -4.48 22.54
N GLN A 423 -30.10 -4.79 22.19
CA GLN A 423 -29.87 -5.78 21.15
C GLN A 423 -28.41 -6.22 21.21
N LYS A 424 -28.19 -7.50 20.88
CA LYS A 424 -26.85 -7.98 20.63
C LYS A 424 -26.78 -8.55 19.22
N LEU A 425 -25.81 -8.06 18.44
CA LEU A 425 -25.67 -8.45 17.05
C LEU A 425 -24.36 -9.23 16.89
N ASP A 426 -24.44 -10.44 16.34
CA ASP A 426 -23.23 -11.22 16.13
C ASP A 426 -22.38 -10.61 15.02
N VAL A 427 -21.08 -10.52 15.26
CA VAL A 427 -20.11 -10.06 14.26
C VAL A 427 -18.98 -11.10 14.15
N HIS A 428 -18.14 -10.94 13.13
CA HIS A 428 -17.37 -12.09 12.66
C HIS A 428 -15.94 -11.69 12.29
N TYR A 429 -14.96 -11.88 13.20
CA TYR A 429 -15.15 -12.39 14.56
C TYR A 429 -14.17 -11.65 15.48
N GLN A 430 -14.47 -11.58 16.78
CA GLN A 430 -13.60 -10.92 17.74
C GLN A 430 -13.45 -9.44 17.41
N PRO A 431 -14.52 -8.65 17.61
CA PRO A 431 -14.43 -7.21 17.34
C PRO A 431 -13.56 -6.48 18.34
N GLY A 432 -12.84 -5.48 17.83
CA GLY A 432 -12.05 -4.57 18.65
C GLY A 432 -12.67 -3.20 18.70
N HIS A 433 -12.29 -2.32 17.79
CA HIS A 433 -12.87 -0.97 17.78
C HIS A 433 -14.20 -0.98 17.02
N LEU A 434 -15.01 0.04 17.27
CA LEU A 434 -16.18 0.26 16.44
C LEU A 434 -16.44 1.76 16.37
N HIS A 435 -17.15 2.17 15.33
CA HIS A 435 -17.25 3.60 15.07
C HIS A 435 -18.59 3.90 14.41
N ALA A 436 -19.40 4.73 15.06
CA ALA A 436 -20.67 5.19 14.47
C ALA A 436 -20.47 6.57 13.85
N SER A 437 -21.23 6.87 12.80
CA SER A 437 -20.97 8.09 12.04
C SER A 437 -21.16 9.34 12.90
N LEU A 438 -20.16 10.24 12.88
CA LEU A 438 -20.09 11.50 13.62
C LEU A 438 -20.12 11.31 15.14
N CYS A 439 -19.76 10.11 15.61
CA CYS A 439 -19.87 9.76 17.03
C CYS A 439 -19.01 10.64 17.94
N GLU A 440 -17.90 11.19 17.44
CA GLU A 440 -16.99 12.00 18.24
C GLU A 440 -17.42 13.45 18.35
N THR A 441 -18.62 13.76 17.87
CA THR A 441 -19.14 15.12 17.78
C THR A 441 -20.55 15.21 18.36
N ASN A 442 -20.96 16.45 18.67
CA ASN A 442 -22.33 16.65 19.16
C ASN A 442 -23.38 16.55 18.00
N GLU A 443 -22.93 16.20 16.80
CA GLU A 443 -23.81 15.92 15.67
C GLU A 443 -23.92 14.44 15.34
N ALA A 444 -23.46 13.55 16.22
CA ALA A 444 -23.60 12.12 16.00
C ALA A 444 -24.98 11.80 15.43
N ASP A 445 -25.01 11.12 14.26
CA ASP A 445 -26.24 11.09 13.46
C ASP A 445 -26.91 9.73 13.44
N GLY A 446 -26.28 8.73 14.06
CA GLY A 446 -26.92 7.43 14.23
C GLY A 446 -27.24 6.71 12.94
N LYS A 447 -26.45 6.89 11.89
CA LYS A 447 -26.78 6.25 10.62
CA LYS A 447 -26.78 6.25 10.62
C LYS A 447 -25.96 4.98 10.36
N TRP A 448 -24.63 5.06 10.45
CA TRP A 448 -23.77 3.92 10.13
C TRP A 448 -22.85 3.56 11.29
N LEU A 449 -22.55 2.28 11.39
CA LEU A 449 -21.63 1.74 12.40
C LEU A 449 -20.68 0.79 11.69
N VAL A 450 -19.38 0.92 11.94
CA VAL A 450 -18.39 -0.05 11.48
C VAL A 450 -17.80 -0.74 12.69
N ALA A 451 -17.84 -2.07 12.70
CA ALA A 451 -17.15 -2.85 13.71
C ALA A 451 -15.96 -3.53 13.05
N LEU A 452 -14.80 -3.41 13.67
CA LEU A 452 -13.54 -3.83 13.07
C LEU A 452 -13.10 -5.10 13.78
N SER A 453 -13.28 -6.24 13.10
CA SER A 453 -13.10 -7.55 13.72
C SER A 453 -11.79 -8.20 13.28
N LYS A 454 -11.16 -8.85 14.23
CA LYS A 454 -9.77 -9.26 14.07
C LYS A 454 -9.60 -10.58 13.33
N PHE A 455 -10.55 -11.50 13.42
CA PHE A 455 -10.43 -12.83 12.79
C PHE A 455 -11.53 -13.01 11.76
N SER A 456 -11.17 -12.92 10.49
CA SER A 456 -12.17 -13.06 9.44
C SER A 456 -12.48 -14.51 9.07
N LYS A 457 -11.65 -15.47 9.51
CA LYS A 457 -11.89 -16.89 9.28
C LYS A 457 -12.35 -17.17 7.84
N ASP A 458 -13.59 -17.62 7.69
CA ASP A 458 -14.17 -18.06 6.42
C ASP A 458 -15.03 -16.99 5.73
N ARG A 459 -14.95 -15.73 6.13
CA ARG A 459 -15.85 -14.73 5.58
C ARG A 459 -15.42 -14.24 4.20
N PHE A 460 -14.20 -14.56 3.78
CA PHE A 460 -13.67 -14.21 2.46
C PHE A 460 -12.92 -15.42 1.90
N LEU A 461 -12.67 -15.40 0.58
CA LEU A 461 -11.88 -16.44 -0.06
C LEU A 461 -10.56 -16.63 0.65
N PRO A 462 -10.02 -17.86 0.75
CA PRO A 462 -8.70 -18.03 1.36
C PRO A 462 -7.62 -17.35 0.53
N VAL A 463 -6.61 -16.79 1.22
CA VAL A 463 -5.51 -16.12 0.54
C VAL A 463 -4.18 -16.44 1.20
N GLY A 464 -4.04 -17.65 1.73
CA GLY A 464 -2.80 -18.08 2.33
C GLY A 464 -2.80 -17.90 3.84
N PRO A 465 -1.63 -18.06 4.45
CA PRO A 465 -1.59 -18.06 5.92
C PRO A 465 -1.97 -16.73 6.56
N LEU A 466 -1.79 -15.60 5.89
CA LEU A 466 -2.14 -14.30 6.45
C LEU A 466 -3.56 -13.95 6.01
N HIS A 467 -4.42 -13.51 6.95
CA HIS A 467 -5.82 -13.22 6.64
C HIS A 467 -6.13 -11.73 6.79
N PRO A 468 -7.16 -11.22 6.11
CA PRO A 468 -7.57 -9.83 6.29
C PRO A 468 -8.41 -9.62 7.55
N GLU A 469 -8.44 -8.36 8.00
CA GLU A 469 -9.38 -7.93 9.01
C GLU A 469 -10.77 -7.86 8.37
N ASN A 470 -11.82 -8.08 9.15
CA ASN A 470 -13.19 -7.95 8.64
C ASN A 470 -13.83 -6.71 9.24
N ASP A 471 -13.96 -5.68 8.43
CA ASP A 471 -14.56 -4.42 8.88
C ASP A 471 -16.01 -4.46 8.41
N GLN A 472 -16.95 -4.60 9.35
CA GLN A 472 -18.34 -4.86 8.99
C GLN A 472 -19.17 -3.60 9.13
N LEU A 473 -19.89 -3.26 8.07
CA LEU A 473 -20.76 -2.10 8.06
C LEU A 473 -22.13 -2.52 8.55
N ILE A 474 -22.66 -1.76 9.49
CA ILE A 474 -23.91 -2.06 10.18
C ILE A 474 -24.81 -0.82 10.10
N ASP A 475 -26.03 -1.02 9.60
CA ASP A 475 -27.06 0.02 9.59
C ASP A 475 -27.64 0.18 11.00
N ILE A 476 -27.44 1.35 11.61
CA ILE A 476 -28.02 1.64 12.92
C ILE A 476 -29.08 2.74 12.85
N SER A 477 -29.60 3.01 11.66
CA SER A 477 -30.53 4.13 11.52
C SER A 477 -31.87 3.85 12.19
N GLY A 478 -32.26 2.59 12.32
CA GLY A 478 -33.50 2.21 12.94
C GLY A 478 -33.32 1.52 14.28
N ASP A 479 -34.41 0.94 14.78
CA ASP A 479 -34.38 0.35 16.12
C ASP A 479 -33.49 -0.87 16.19
N GLU A 480 -33.29 -1.57 15.06
CA GLU A 480 -32.55 -2.83 15.04
C GLU A 480 -31.30 -2.66 14.19
N MET A 481 -30.13 -2.89 14.80
CA MET A 481 -28.89 -2.96 14.04
C MET A 481 -29.01 -4.01 12.94
N LYS A 482 -28.51 -3.71 11.75
CA LYS A 482 -28.51 -4.69 10.67
C LYS A 482 -27.13 -4.76 10.00
N LEU A 483 -26.55 -5.95 9.97
CA LEU A 483 -25.28 -6.16 9.28
C LEU A 483 -25.53 -6.09 7.77
N VAL A 484 -24.80 -5.23 7.06
CA VAL A 484 -25.04 -5.11 5.62
C VAL A 484 -23.81 -5.36 4.74
N HIS A 485 -22.58 -5.21 5.23
CA HIS A 485 -21.41 -5.38 4.37
C HIS A 485 -20.19 -5.86 5.16
N ASP A 486 -19.46 -6.82 4.59
CA ASP A 486 -18.18 -7.29 5.11
C ASP A 486 -17.06 -6.71 4.26
N GLY A 487 -16.21 -5.89 4.86
CA GLY A 487 -15.12 -5.27 4.13
C GLY A 487 -13.77 -5.77 4.59
N PRO A 488 -13.09 -6.54 3.76
CA PRO A 488 -11.77 -7.07 4.14
C PRO A 488 -10.73 -5.96 4.04
N THR A 489 -9.80 -5.93 5.00
CA THR A 489 -8.80 -4.87 4.94
C THR A 489 -7.44 -5.41 5.38
N PHE A 490 -6.39 -4.68 5.01
CA PHE A 490 -5.03 -5.20 5.12
C PHE A 490 -4.33 -4.62 6.35
N ALA A 491 -3.63 -5.49 7.08
CA ALA A 491 -2.65 -5.08 8.09
C ALA A 491 -3.31 -4.53 9.34
N GLU A 492 -4.51 -5.01 9.67
CA GLU A 492 -5.26 -4.62 10.88
C GLU A 492 -5.42 -3.11 11.04
N PRO A 493 -6.22 -2.47 10.18
CA PRO A 493 -6.55 -1.05 10.41
C PRO A 493 -6.92 -0.72 11.84
N HIS A 494 -7.63 -1.60 12.55
CA HIS A 494 -7.84 -1.37 13.98
C HIS A 494 -8.95 -0.35 14.29
N ASP A 495 -8.88 0.89 13.79
CA ASP A 495 -9.94 1.88 14.01
C ASP A 495 -10.11 2.77 12.78
N CYS A 496 -11.25 3.47 12.70
CA CYS A 496 -11.55 4.32 11.55
C CYS A 496 -12.39 5.50 12.02
N ILE A 497 -12.59 6.48 11.13
CA ILE A 497 -13.46 7.61 11.45
C ILE A 497 -14.20 8.03 10.19
N MET A 498 -15.46 8.42 10.34
CA MET A 498 -16.29 8.84 9.23
C MET A 498 -16.61 10.32 9.30
N ALA A 499 -16.81 10.94 8.12
CA ALA A 499 -17.24 12.32 8.02
C ALA A 499 -18.27 12.46 6.90
N ARG A 500 -19.24 13.36 7.08
CA ARG A 500 -20.19 13.65 6.00
C ARG A 500 -19.43 14.12 4.78
N ARG A 501 -19.99 13.83 3.60
CA ARG A 501 -19.42 14.37 2.37
C ARG A 501 -19.18 15.88 2.48
N ASP A 502 -20.15 16.60 3.05
CA ASP A 502 -20.06 18.06 3.05
C ASP A 502 -19.17 18.59 4.19
N GLN A 503 -18.59 17.73 5.01
CA GLN A 503 -17.61 18.16 5.99
C GLN A 503 -16.20 18.22 5.44
N ILE A 504 -15.96 17.69 4.25
CA ILE A 504 -14.63 17.59 3.68
C ILE A 504 -14.60 18.39 2.39
N LYS A 505 -13.65 19.32 2.28
CA LYS A 505 -13.52 20.13 1.07
C LYS A 505 -12.09 20.03 0.59
N THR A 506 -11.90 19.50 -0.62
CA THR A 506 -10.56 19.21 -1.11
C THR A 506 -10.19 20.11 -2.28
N LYS A 507 -8.89 20.30 -2.44
CA LYS A 507 -8.37 21.06 -3.56
C LYS A 507 -8.34 20.20 -4.81
N LYS A 508 -8.68 20.82 -5.93
CA LYS A 508 -8.65 20.16 -7.21
C LYS A 508 -7.26 20.16 -7.81
N ILE A 509 -6.51 21.23 -7.55
CA ILE A 509 -5.15 21.39 -8.01
C ILE A 509 -4.39 22.12 -6.91
N TRP A 510 -3.07 21.99 -6.93
CA TRP A 510 -2.28 22.58 -5.86
C TRP A 510 -2.20 24.11 -5.98
N ASP A 511 -2.00 24.72 -4.82
CA ASP A 511 -1.62 26.13 -4.69
C ASP A 511 -0.12 26.24 -4.86
N ARG A 512 0.33 27.18 -5.69
CA ARG A 512 1.76 27.34 -5.89
C ARG A 512 2.47 27.81 -4.62
N ASN A 513 1.72 28.40 -3.68
CA ASN A 513 2.28 28.84 -2.43
C ASN A 513 2.20 27.79 -1.32
N ASP A 514 1.88 26.55 -1.65
CA ASP A 514 1.57 25.58 -0.61
C ASP A 514 2.78 25.31 0.27
N PRO A 515 2.62 25.29 1.61
CA PRO A 515 3.76 25.00 2.48
C PRO A 515 4.40 23.64 2.26
N PHE A 516 3.63 22.67 1.75
CA PHE A 516 4.16 21.32 1.50
C PHE A 516 5.48 21.34 0.71
N PHE A 517 5.60 22.21 -0.30
CA PHE A 517 6.86 22.28 -1.04
C PHE A 517 7.50 23.66 -0.96
N ALA A 518 7.11 24.46 0.01
CA ALA A 518 7.74 25.78 0.17
C ALA A 518 9.25 25.71 0.36
N PRO A 519 9.82 24.72 1.06
CA PRO A 519 11.30 24.68 1.13
C PRO A 519 11.94 24.45 -0.22
N THR A 520 11.24 23.76 -1.13
CA THR A 520 11.79 23.55 -2.46
C THR A 520 11.71 24.82 -3.26
N VAL A 521 10.61 25.56 -3.11
CA VAL A 521 10.51 26.89 -3.72
C VAL A 521 11.67 27.76 -3.22
N GLU A 522 11.99 27.66 -1.94
CA GLU A 522 13.08 28.45 -1.38
C GLU A 522 14.42 28.07 -2.01
N MET A 523 14.69 26.77 -2.13
CA MET A 523 15.91 26.30 -2.78
C MET A 523 16.00 26.84 -4.21
N ALA A 524 14.90 26.72 -4.97
CA ALA A 524 14.86 27.27 -6.32
C ALA A 524 15.17 28.77 -6.32
N LYS A 525 14.67 29.50 -5.33
CA LYS A 525 14.92 30.93 -5.27
C LYS A 525 16.42 31.22 -5.13
N LYS A 526 17.10 30.43 -4.31
CA LYS A 526 18.54 30.61 -4.13
C LYS A 526 19.30 30.34 -5.42
N ASP A 527 18.78 29.47 -6.27
CA ASP A 527 19.38 29.21 -7.59
C ASP A 527 18.88 30.17 -8.65
N GLY A 528 18.06 31.16 -8.28
CA GLY A 528 17.55 32.12 -9.24
C GLY A 528 16.53 31.54 -10.22
N ILE A 529 15.80 30.52 -9.81
CA ILE A 529 14.92 29.75 -10.69
C ILE A 529 13.48 30.20 -10.48
N ASN A 530 12.78 30.46 -11.59
CA ASN A 530 11.33 30.60 -11.59
C ASN A 530 10.73 29.24 -11.94
N LEU A 531 10.20 28.54 -10.92
CA LEU A 531 9.77 27.17 -11.08
C LEU A 531 8.61 27.03 -12.08
N ASP A 532 7.85 28.10 -12.30
CA ASP A 532 6.72 28.03 -13.21
C ASP A 532 7.13 28.02 -14.68
N THR A 533 8.37 28.42 -14.99
CA THR A 533 8.78 28.56 -16.39
C THR A 533 10.07 27.85 -16.77
N ASP A 534 11.00 27.66 -15.82
CA ASP A 534 12.39 27.39 -16.15
C ASP A 534 12.68 25.91 -16.39
N ASN A 535 13.58 25.67 -17.35
CA ASN A 535 14.11 24.35 -17.68
C ASN A 535 15.62 24.49 -17.72
N LYS A 536 16.29 24.19 -16.60
CA LYS A 536 17.67 24.61 -16.43
C LYS A 536 18.43 23.57 -15.63
N VAL A 537 19.73 23.46 -15.87
CA VAL A 537 20.57 22.54 -15.11
C VAL A 537 21.63 23.37 -14.42
N ILE A 538 21.65 23.32 -13.09
CA ILE A 538 22.58 24.09 -12.26
C ILE A 538 23.70 23.16 -11.82
N ARG A 539 24.94 23.56 -12.05
CA ARG A 539 26.13 22.80 -11.66
C ARG A 539 26.78 23.46 -10.47
N ASP A 540 27.12 22.67 -9.46
CA ASP A 540 27.63 23.22 -8.23
C ASP A 540 28.59 22.18 -7.64
N GLY A 541 29.83 22.19 -8.11
CA GLY A 541 30.77 21.15 -7.70
C GLY A 541 30.31 19.79 -8.23
N ASN A 542 30.21 18.81 -7.34
CA ASN A 542 29.69 17.52 -7.74
C ASN A 542 28.19 17.40 -7.49
N LYS A 543 27.52 18.52 -7.26
CA LYS A 543 26.07 18.55 -7.13
C LYS A 543 25.48 19.12 -8.42
N VAL A 544 24.40 18.51 -8.89
CA VAL A 544 23.69 18.94 -10.10
C VAL A 544 22.22 19.09 -9.72
N ARG A 545 21.66 20.27 -9.94
CA ARG A 545 20.26 20.53 -9.62
C ARG A 545 19.52 20.84 -10.93
N VAL A 546 18.71 19.88 -11.38
CA VAL A 546 17.92 19.99 -12.60
C VAL A 546 16.57 20.55 -12.22
N TYR A 547 16.12 21.59 -12.93
CA TYR A 547 14.79 22.14 -12.72
C TYR A 547 14.03 22.06 -14.04
N MET A 548 12.80 21.58 -14.00
CA MET A 548 12.02 21.50 -15.23
C MET A 548 10.54 21.61 -14.93
N THR A 549 9.81 22.16 -15.90
CA THR A 549 8.37 22.04 -15.97
C THR A 549 8.01 20.76 -16.71
N SER A 550 6.81 20.25 -16.44
CA SER A 550 6.29 19.12 -17.22
C SER A 550 4.86 19.43 -17.64
N MET A 551 4.54 19.14 -18.90
CA MET A 551 3.19 19.31 -19.41
C MET A 551 3.02 18.51 -20.69
N ALA A 552 1.76 18.23 -20.99
CA ALA A 552 1.20 17.60 -22.20
C ALA A 552 2.13 16.49 -22.70
N PRO A 553 3.03 16.66 -23.72
CA PRO A 553 3.67 15.45 -24.24
C PRO A 553 5.07 15.19 -23.71
N ALA A 554 5.72 16.13 -23.02
CA ALA A 554 7.15 15.99 -22.79
C ALA A 554 7.61 16.64 -21.48
N PHE A 555 8.62 16.00 -20.86
CA PHE A 555 9.39 16.66 -19.83
C PHE A 555 10.03 17.93 -20.38
N GLY A 556 10.08 18.97 -19.55
CA GLY A 556 10.68 20.22 -19.97
C GLY A 556 12.18 20.14 -20.16
N VAL A 557 12.84 19.21 -19.48
CA VAL A 557 14.23 18.89 -19.74
C VAL A 557 14.25 17.44 -20.17
N GLN A 558 14.66 17.17 -21.41
CA GLN A 558 14.57 15.83 -21.97
C GLN A 558 15.89 15.07 -21.91
N GLU A 559 16.98 15.75 -21.62
CA GLU A 559 18.26 15.09 -21.49
C GLU A 559 19.13 15.99 -20.63
N PHE A 560 20.04 15.37 -19.89
CA PHE A 560 21.09 16.12 -19.22
C PHE A 560 22.23 15.16 -18.94
N THR A 561 23.41 15.74 -18.76
CA THR A 561 24.64 15.00 -18.62
C THR A 561 25.32 15.37 -17.31
N VAL A 562 25.85 14.37 -16.60
CA VAL A 562 26.51 14.56 -15.32
C VAL A 562 27.76 13.69 -15.32
N LYS A 563 28.56 13.81 -14.26
CA LYS A 563 29.70 12.92 -14.02
C LYS A 563 29.33 11.81 -13.05
N GLN A 564 29.85 10.62 -13.32
CA GLN A 564 29.71 9.52 -12.36
C GLN A 564 30.08 9.99 -10.96
N GLY A 565 29.21 9.68 -9.99
CA GLY A 565 29.40 10.11 -8.62
C GLY A 565 28.67 11.39 -8.24
N ASP A 566 28.20 12.16 -9.22
CA ASP A 566 27.49 13.41 -8.93
C ASP A 566 26.24 13.13 -8.11
N GLU A 567 25.89 14.08 -7.25
CA GLU A 567 24.63 14.00 -6.52
C GLU A 567 23.62 14.85 -7.27
N VAL A 568 22.63 14.18 -7.87
CA VAL A 568 21.67 14.82 -8.76
C VAL A 568 20.37 15.08 -7.99
N THR A 569 19.88 16.31 -8.03
CA THR A 569 18.53 16.62 -7.58
C THR A 569 17.70 16.98 -8.79
N VAL A 570 16.53 16.33 -8.95
CA VAL A 570 15.60 16.67 -10.02
C VAL A 570 14.35 17.25 -9.38
N THR A 571 14.02 18.47 -9.77
CA THR A 571 12.84 19.19 -9.31
C THR A 571 11.91 19.38 -10.50
N ILE A 572 10.67 18.95 -10.38
CA ILE A 572 9.72 19.00 -11.49
C ILE A 572 8.50 19.76 -11.03
N THR A 573 8.07 20.72 -11.83
CA THR A 573 6.85 21.48 -11.58
C THR A 573 5.86 21.15 -12.69
N ASN A 574 4.72 20.60 -12.30
CA ASN A 574 3.68 20.18 -13.23
C ASN A 574 2.83 21.41 -13.53
N ILE A 575 2.96 21.97 -14.73
CA ILE A 575 2.25 23.21 -15.03
C ILE A 575 0.97 22.98 -15.83
N ASP A 576 0.60 21.73 -16.07
CA ASP A 576 -0.76 21.43 -16.53
C ASP A 576 -1.78 22.01 -15.56
N GLN A 577 -2.90 22.51 -16.09
CA GLN A 577 -3.98 23.00 -15.24
C GLN A 577 -5.19 22.07 -15.18
N ILE A 578 -5.20 20.99 -15.95
CA ILE A 578 -6.35 20.09 -16.00
C ILE A 578 -6.32 19.18 -14.79
N GLU A 579 -7.42 19.16 -14.03
CA GLU A 579 -7.56 18.21 -12.92
C GLU A 579 -7.33 16.78 -13.40
N ASP A 580 -6.77 15.96 -12.50
CA ASP A 580 -6.51 14.54 -12.69
C ASP A 580 -5.30 14.27 -13.61
N VAL A 581 -4.66 15.28 -14.19
CA VAL A 581 -3.49 15.02 -15.07
C VAL A 581 -2.24 15.07 -14.19
N SER A 582 -1.98 13.94 -13.52
CA SER A 582 -0.77 13.79 -12.71
C SER A 582 0.38 13.26 -13.55
N TRP A 583 1.58 13.76 -13.25
CA TRP A 583 2.82 13.31 -13.85
C TRP A 583 3.58 12.46 -12.85
N GLY A 584 4.52 11.68 -13.37
CA GLY A 584 5.42 10.91 -12.53
C GLY A 584 6.83 11.07 -13.05
N PHE A 585 7.78 10.54 -12.29
CA PHE A 585 9.18 10.61 -12.69
C PHE A 585 9.87 9.41 -12.08
N VAL A 586 10.42 8.55 -12.92
CA VAL A 586 11.17 7.36 -12.50
C VAL A 586 12.51 7.40 -13.20
N VAL A 587 13.60 7.16 -12.47
CA VAL A 587 14.91 6.96 -13.08
C VAL A 587 15.22 5.47 -13.04
N VAL A 588 15.40 4.87 -14.22
CA VAL A 588 15.47 3.42 -14.31
C VAL A 588 16.71 2.93 -13.58
N ASN A 589 16.53 1.90 -12.75
CA ASN A 589 17.61 1.19 -12.04
C ASN A 589 18.36 2.09 -11.05
N HIS A 590 17.72 3.17 -10.60
CA HIS A 590 18.31 4.02 -9.57
C HIS A 590 17.44 4.14 -8.32
N GLY A 591 16.31 3.43 -8.23
CA GLY A 591 15.47 3.53 -7.03
C GLY A 591 14.80 4.88 -6.84
N VAL A 592 14.42 5.54 -7.93
CA VAL A 592 13.92 6.92 -7.91
C VAL A 592 12.52 6.91 -8.51
N SER A 593 11.54 7.47 -7.77
CA SER A 593 10.14 7.48 -8.20
C SER A 593 9.40 8.57 -7.43
N MET A 594 8.58 9.36 -8.12
CA MET A 594 7.74 10.33 -7.40
C MET A 594 6.58 10.81 -8.27
N GLU A 595 5.58 11.38 -7.59
CA GLU A 595 4.37 11.99 -8.17
C GLU A 595 4.56 13.49 -8.27
N ILE A 596 4.05 14.10 -9.35
CA ILE A 596 3.90 15.56 -9.44
C ILE A 596 2.50 15.82 -9.99
N SER A 597 1.58 16.23 -9.13
CA SER A 597 0.19 16.49 -9.52
C SER A 597 0.06 17.93 -10.01
N PRO A 598 -1.09 18.32 -10.57
CA PRO A 598 -1.19 19.65 -11.18
C PRO A 598 -0.81 20.78 -10.25
N GLN A 599 0.11 21.63 -10.71
CA GLN A 599 0.63 22.81 -10.00
C GLN A 599 1.53 22.45 -8.81
N GLN A 600 1.85 21.17 -8.63
CA GLN A 600 2.80 20.77 -7.58
C GLN A 600 4.25 20.91 -8.06
N THR A 601 5.15 21.19 -7.13
CA THR A 601 6.59 21.03 -7.34
C THR A 601 7.05 19.88 -6.44
N SER A 602 7.75 18.92 -7.03
CA SER A 602 8.29 17.77 -6.32
CA SER A 602 8.29 17.78 -6.30
C SER A 602 9.77 17.64 -6.66
N SER A 603 10.57 17.15 -5.71
CA SER A 603 11.98 16.98 -6.02
C SER A 603 12.53 15.74 -5.32
N ILE A 604 13.57 15.19 -5.92
CA ILE A 604 14.16 13.96 -5.42
C ILE A 604 15.66 13.99 -5.72
N THR A 605 16.44 13.42 -4.80
CA THR A 605 17.88 13.48 -4.87
C THR A 605 18.47 12.06 -4.88
N PHE A 606 19.41 11.81 -5.79
CA PHE A 606 20.03 10.49 -5.92
C PHE A 606 21.43 10.66 -6.44
N VAL A 607 22.30 9.64 -6.25
CA VAL A 607 23.63 9.78 -6.84
C VAL A 607 23.72 8.98 -8.12
N ALA A 608 24.37 9.58 -9.13
CA ALA A 608 24.55 8.96 -10.43
C ALA A 608 25.78 8.07 -10.34
N ASP A 609 25.59 6.87 -9.80
CA ASP A 609 26.74 6.03 -9.50
C ASP A 609 27.06 5.05 -10.61
N LYS A 610 26.32 5.08 -11.72
CA LYS A 610 26.55 4.15 -12.82
C LYS A 610 26.82 4.94 -14.09
N PRO A 611 27.97 4.78 -14.72
CA PRO A 611 28.24 5.47 -15.99
C PRO A 611 27.28 4.98 -17.07
N GLY A 612 27.15 5.78 -18.12
CA GLY A 612 26.41 5.39 -19.30
C GLY A 612 25.11 6.13 -19.42
N LEU A 613 24.25 5.61 -20.32
CA LEU A 613 22.95 6.21 -20.58
C LEU A 613 21.88 5.57 -19.70
N HIS A 614 21.12 6.41 -18.98
CA HIS A 614 20.08 5.92 -18.07
C HIS A 614 18.76 6.65 -18.35
N TRP A 615 17.74 5.89 -18.70
CA TRP A 615 16.46 6.47 -19.09
C TRP A 615 15.65 6.89 -17.87
N TYR A 616 14.90 7.97 -18.02
CA TYR A 616 13.86 8.29 -17.06
C TYR A 616 12.54 8.43 -17.80
N TYR A 617 11.43 8.20 -17.10
CA TYR A 617 10.15 8.21 -17.77
C TYR A 617 9.07 8.68 -16.82
N CYS A 618 7.95 9.10 -17.39
CA CYS A 618 6.79 9.50 -16.61
C CYS A 618 5.98 8.27 -16.21
N SER A 619 5.83 8.05 -14.90
CA SER A 619 5.14 6.84 -14.47
C SER A 619 3.62 6.93 -14.57
N TRP A 620 3.05 8.12 -14.38
CA TRP A 620 1.59 8.26 -14.23
C TRP A 620 0.96 8.43 -15.62
N PHE A 621 0.23 7.41 -16.07
CA PHE A 621 -0.41 7.40 -17.39
C PHE A 621 -1.25 8.64 -17.56
N CYS A 622 -0.79 9.56 -18.39
CA CYS A 622 -1.41 10.89 -18.43
C CYS A 622 -1.82 11.34 -19.82
N HIS A 623 -1.66 10.49 -20.85
CA HIS A 623 -1.78 10.94 -22.23
C HIS A 623 -1.68 9.73 -23.16
N ALA A 624 -2.29 9.82 -24.35
CA ALA A 624 -2.17 8.74 -25.33
C ALA A 624 -0.72 8.43 -25.64
N LEU A 625 0.16 9.45 -25.61
CA LEU A 625 1.59 9.28 -25.90
C LEU A 625 2.41 9.01 -24.64
N HIS A 626 1.79 8.34 -23.66
CA HIS A 626 2.44 8.10 -22.37
C HIS A 626 3.72 7.28 -22.53
N MET A 627 3.67 6.17 -23.28
CA MET A 627 4.85 5.29 -23.39
C MET A 627 6.09 6.06 -23.85
N GLU A 628 5.87 7.14 -24.60
CA GLU A 628 6.92 7.92 -25.26
C GLU A 628 7.33 9.16 -24.48
N MET A 629 6.82 9.35 -23.25
CA MET A 629 7.20 10.52 -22.45
C MET A 629 8.39 10.13 -21.58
N VAL A 630 9.60 10.36 -22.11
CA VAL A 630 10.84 9.81 -21.57
C VAL A 630 11.93 10.86 -21.69
N GLY A 631 13.04 10.64 -20.98
CA GLY A 631 14.24 11.44 -21.10
C GLY A 631 15.47 10.60 -20.84
N ARG A 632 16.64 11.21 -21.02
CA ARG A 632 17.91 10.51 -20.89
C ARG A 632 18.83 11.26 -19.94
N MET A 633 19.36 10.54 -18.94
CA MET A 633 20.48 11.02 -18.13
C MET A 633 21.76 10.35 -18.62
N MET A 634 22.71 11.15 -19.09
CA MET A 634 23.96 10.63 -19.59
C MET A 634 25.04 10.85 -18.52
N VAL A 635 25.67 9.77 -18.09
CA VAL A 635 26.62 9.82 -16.97
C VAL A 635 28.02 9.52 -17.51
N GLU A 636 28.88 10.55 -17.51
CA GLU A 636 30.25 10.39 -17.99
C GLU A 636 31.10 9.66 -16.97
N PRO A 637 31.88 8.65 -17.39
CA PRO A 637 32.64 7.86 -16.43
C PRO A 637 33.72 8.67 -15.74
N ALA A 638 33.98 8.30 -14.49
CA ALA A 638 34.89 9.03 -13.61
C ALA A 638 36.27 9.27 -14.24
N GLN B 58 -26.38 -13.11 -13.72
CA GLN B 58 -25.11 -13.27 -13.00
C GLN B 58 -25.11 -12.45 -11.73
N LYS B 59 -24.73 -13.06 -10.61
CA LYS B 59 -24.74 -12.34 -9.34
C LYS B 59 -23.68 -11.25 -9.36
N ILE B 60 -24.05 -10.05 -8.90
CA ILE B 60 -23.20 -8.87 -8.98
C ILE B 60 -22.71 -8.51 -7.59
N HIS B 61 -23.56 -8.72 -6.58
CA HIS B 61 -23.29 -8.31 -5.21
C HIS B 61 -23.06 -9.54 -4.34
N VAL B 62 -21.99 -9.49 -3.55
CA VAL B 62 -21.61 -10.58 -2.67
C VAL B 62 -21.92 -10.15 -1.25
N GLY B 63 -22.95 -10.74 -0.67
CA GLY B 63 -23.44 -10.34 0.63
C GLY B 63 -22.62 -10.93 1.74
N PRO B 64 -22.86 -10.45 2.96
CA PRO B 64 -22.16 -11.00 4.13
C PRO B 64 -22.34 -12.51 4.21
N GLY B 65 -21.22 -13.22 4.35
CA GLY B 65 -21.25 -14.65 4.39
C GLY B 65 -21.15 -15.34 3.04
N GLU B 66 -21.38 -14.63 1.94
CA GLU B 66 -21.14 -15.19 0.63
C GLU B 66 -19.68 -14.99 0.27
N LEU B 67 -19.17 -15.85 -0.60
CA LEU B 67 -17.81 -15.73 -1.12
C LEU B 67 -17.82 -15.29 -2.58
N ASP B 68 -16.72 -14.68 -2.98
CA ASP B 68 -16.53 -14.32 -4.37
C ASP B 68 -16.37 -15.58 -5.21
N ASP B 69 -16.68 -15.47 -6.50
CA ASP B 69 -16.53 -16.60 -7.42
C ASP B 69 -15.17 -16.66 -8.10
N TYR B 70 -14.45 -15.55 -8.17
CA TYR B 70 -13.15 -15.49 -8.81
C TYR B 70 -12.14 -14.79 -7.92
N TYR B 71 -10.88 -15.19 -8.06
CA TYR B 71 -9.77 -14.38 -7.59
C TYR B 71 -9.36 -13.40 -8.68
N GLY B 72 -9.03 -12.18 -8.29
CA GLY B 72 -8.43 -11.25 -9.21
C GLY B 72 -7.06 -10.86 -8.71
N PHE B 73 -6.07 -10.84 -9.58
CA PHE B 73 -4.73 -10.44 -9.16
C PHE B 73 -4.42 -9.16 -9.91
N TRP B 74 -4.32 -8.08 -9.16
CA TRP B 74 -4.15 -6.76 -9.73
C TRP B 74 -2.69 -6.37 -9.63
N SER B 75 -2.15 -5.79 -10.70
CA SER B 75 -0.87 -5.12 -10.58
C SER B 75 -1.01 -3.94 -9.61
N GLY B 76 0.04 -3.70 -8.81
CA GLY B 76 0.06 -2.54 -7.95
C GLY B 76 0.54 -1.27 -8.61
N GLY B 77 0.81 -1.29 -9.91
CA GLY B 77 1.26 -0.09 -10.59
C GLY B 77 2.55 0.45 -10.02
N HIS B 78 2.67 1.79 -10.00
CA HIS B 78 3.83 2.51 -9.46
C HIS B 78 4.03 2.27 -7.97
N GLN B 79 3.08 1.63 -7.30
CA GLN B 79 3.18 1.36 -5.88
C GLN B 79 3.96 0.08 -5.60
N GLY B 80 4.05 -0.84 -6.57
CA GLY B 80 5.03 -1.90 -6.53
C GLY B 80 4.58 -3.24 -5.96
N GLU B 81 3.36 -3.36 -5.43
CA GLU B 81 2.88 -4.62 -4.86
C GLU B 81 1.98 -5.35 -5.84
N VAL B 82 1.52 -6.53 -5.44
CA VAL B 82 0.43 -7.23 -6.10
C VAL B 82 -0.75 -7.28 -5.14
N ARG B 83 -1.96 -7.12 -5.66
CA ARG B 83 -3.16 -7.07 -4.83
C ARG B 83 -4.08 -8.22 -5.21
N VAL B 84 -4.61 -8.90 -4.21
CA VAL B 84 -5.54 -10.00 -4.43
C VAL B 84 -6.93 -9.46 -4.13
N LEU B 85 -7.82 -9.54 -5.14
CA LEU B 85 -9.20 -9.12 -5.01
C LEU B 85 -10.12 -10.31 -5.18
N GLY B 86 -11.33 -10.15 -4.65
CA GLY B 86 -12.42 -11.05 -4.94
C GLY B 86 -13.27 -10.43 -6.02
N VAL B 87 -13.65 -11.25 -6.99
CA VAL B 87 -14.49 -10.86 -8.11
C VAL B 87 -15.77 -11.70 -8.03
N PRO B 88 -16.97 -11.11 -8.12
CA PRO B 88 -17.30 -9.75 -8.57
C PRO B 88 -17.39 -8.64 -7.51
N SER B 89 -17.10 -8.91 -6.24
CA SER B 89 -17.26 -7.85 -5.24
C SER B 89 -16.24 -6.75 -5.45
N MET B 90 -15.10 -7.07 -6.06
CA MET B 90 -13.97 -6.17 -6.29
C MET B 90 -13.33 -5.69 -5.00
N ARG B 91 -13.49 -6.42 -3.91
CA ARG B 91 -12.88 -6.04 -2.65
C ARG B 91 -11.46 -6.59 -2.58
N GLU B 92 -10.54 -5.82 -2.00
CA GLU B 92 -9.18 -6.30 -1.88
C GLU B 92 -9.07 -7.24 -0.67
N LEU B 93 -8.70 -8.51 -0.93
CA LEU B 93 -8.56 -9.52 0.12
C LEU B 93 -7.17 -9.54 0.75
N MET B 94 -6.13 -9.15 0.01
CA MET B 94 -4.77 -9.25 0.50
C MET B 94 -3.90 -8.35 -0.36
N ARG B 95 -2.78 -7.94 0.21
CA ARG B 95 -1.72 -7.28 -0.51
C ARG B 95 -0.50 -8.16 -0.42
N ILE B 96 0.18 -8.35 -1.55
CA ILE B 96 1.39 -9.16 -1.61
C ILE B 96 2.55 -8.21 -1.91
N PRO B 97 3.43 -7.94 -0.95
CA PRO B 97 4.56 -7.05 -1.27
C PRO B 97 5.51 -7.72 -2.24
N VAL B 98 6.05 -6.92 -3.16
CA VAL B 98 6.97 -7.44 -4.17
C VAL B 98 8.16 -6.49 -4.30
N PHE B 99 7.93 -5.33 -4.91
CA PHE B 99 9.00 -4.35 -5.08
C PHE B 99 8.93 -3.23 -4.08
N ASN B 100 7.82 -3.09 -3.36
CA ASN B 100 7.64 -2.14 -2.29
C ASN B 100 8.23 -2.68 -0.99
N VAL B 101 8.46 -1.77 -0.04
CA VAL B 101 8.83 -2.14 1.33
C VAL B 101 7.57 -2.10 2.17
N ASP B 102 7.18 -3.24 2.72
CA ASP B 102 5.94 -3.35 3.47
C ASP B 102 6.24 -3.35 4.96
N SER B 103 5.86 -2.24 5.61
CA SER B 103 5.92 -2.11 7.07
C SER B 103 5.21 -3.24 7.79
N ALA B 104 4.08 -3.72 7.25
CA ALA B 104 3.25 -4.65 7.99
C ALA B 104 3.91 -6.03 8.15
N THR B 105 4.30 -6.66 7.04
CA THR B 105 4.92 -7.98 7.06
C THR B 105 6.44 -7.92 7.21
N GLY B 106 7.03 -6.76 7.02
CA GLY B 106 8.46 -6.62 7.02
C GLY B 106 9.13 -6.94 5.69
N TRP B 107 8.37 -7.14 4.62
CA TRP B 107 9.00 -7.38 3.32
C TRP B 107 9.87 -6.19 2.93
N GLY B 108 11.15 -6.49 2.67
CA GLY B 108 12.15 -5.47 2.41
C GLY B 108 12.97 -5.13 3.64
N LEU B 109 12.51 -5.52 4.83
CA LEU B 109 13.28 -5.37 6.06
C LEU B 109 13.85 -6.69 6.57
N THR B 110 13.05 -7.76 6.52
CA THR B 110 13.47 -9.08 7.00
C THR B 110 14.65 -9.65 6.21
N ASN B 111 15.38 -10.58 6.84
CA ASN B 111 16.47 -11.20 6.12
C ASN B 111 15.95 -12.09 4.99
N GLU B 112 14.81 -12.75 5.18
CA GLU B 112 14.31 -13.66 4.15
C GLU B 112 13.92 -12.90 2.89
N SER B 113 13.27 -11.75 3.06
CA SER B 113 12.82 -10.96 1.90
C SER B 113 14.01 -10.33 1.21
N ARG B 114 14.96 -9.80 1.97
CA ARG B 114 16.10 -9.15 1.32
C ARG B 114 16.98 -10.18 0.59
N HIS B 115 17.04 -11.41 1.10
CA HIS B 115 17.72 -12.49 0.39
C HIS B 115 17.06 -12.75 -0.97
N ILE B 116 15.72 -12.75 -1.02
CA ILE B 116 15.04 -12.95 -2.29
C ILE B 116 15.29 -11.79 -3.25
N MET B 117 15.25 -10.56 -2.74
CA MET B 117 15.48 -9.40 -3.60
C MET B 117 16.94 -9.26 -4.02
N GLY B 118 17.88 -9.91 -3.31
CA GLY B 118 19.26 -9.77 -3.69
C GLY B 118 19.74 -8.33 -3.52
N ASP B 119 20.70 -7.94 -4.37
CA ASP B 119 21.22 -6.57 -4.35
CA ASP B 119 21.22 -6.57 -4.32
C ASP B 119 20.13 -5.53 -4.56
N SER B 120 19.09 -5.86 -5.34
CA SER B 120 17.98 -4.92 -5.56
C SER B 120 17.15 -4.62 -4.30
N ALA B 121 17.42 -5.29 -3.16
CA ALA B 121 16.83 -4.90 -1.87
C ALA B 121 17.17 -3.47 -1.47
N LYS B 122 18.17 -2.85 -2.13
CA LYS B 122 18.48 -1.45 -1.87
C LYS B 122 17.45 -0.50 -2.44
N PHE B 123 16.61 -0.94 -3.36
CA PHE B 123 15.57 -0.10 -3.93
C PHE B 123 14.28 -0.26 -3.13
N LEU B 124 13.61 0.86 -2.90
CA LEU B 124 12.36 0.91 -2.17
C LEU B 124 11.15 1.08 -3.09
N ASN B 125 11.35 0.96 -4.41
CA ASN B 125 10.30 1.25 -5.36
C ASN B 125 10.24 0.18 -6.45
N GLY B 126 9.09 0.11 -7.12
CA GLY B 126 8.97 -0.68 -8.32
C GLY B 126 7.85 -0.08 -9.14
N ASP B 127 7.66 -0.63 -10.34
CA ASP B 127 6.60 -0.12 -11.20
C ASP B 127 6.06 -1.32 -11.98
N CYS B 128 4.97 -1.91 -11.50
CA CYS B 128 4.50 -3.12 -12.19
C CYS B 128 3.21 -2.90 -12.96
N HIS B 129 3.06 -3.70 -14.00
CA HIS B 129 1.98 -3.53 -14.98
C HIS B 129 1.24 -4.82 -15.29
N HIS B 130 1.95 -5.96 -15.35
CA HIS B 130 1.47 -7.12 -16.09
C HIS B 130 1.57 -8.39 -15.26
N PRO B 131 0.53 -8.69 -14.45
CA PRO B 131 0.50 -9.97 -13.74
C PRO B 131 -0.06 -11.09 -14.61
N HIS B 132 0.59 -12.25 -14.55
CA HIS B 132 0.18 -13.42 -15.33
C HIS B 132 0.39 -14.70 -14.53
N ILE B 133 -0.51 -15.65 -14.74
CA ILE B 133 -0.58 -16.88 -13.97
C ILE B 133 -0.06 -18.01 -14.83
N SER B 134 0.76 -18.89 -14.24
CA SER B 134 1.37 -19.99 -14.98
C SER B 134 0.31 -20.96 -15.50
N MET B 135 0.63 -21.62 -16.61
CA MET B 135 -0.32 -22.47 -17.31
C MET B 135 0.26 -23.84 -17.62
N THR B 136 -0.64 -24.81 -17.75
CA THR B 136 -0.28 -26.13 -18.25
C THR B 136 -1.30 -26.49 -19.31
N ASP B 137 -0.82 -26.77 -20.51
CA ASP B 137 -1.69 -27.11 -21.63
C ASP B 137 -2.70 -26.01 -21.90
N GLY B 138 -2.26 -24.75 -21.83
CA GLY B 138 -3.13 -23.65 -22.18
C GLY B 138 -4.23 -23.35 -21.19
N LYS B 139 -4.10 -23.81 -19.95
CA LYS B 139 -5.03 -23.50 -18.87
C LYS B 139 -4.24 -23.12 -17.63
N TYR B 140 -4.81 -22.23 -16.79
CA TYR B 140 -4.11 -21.86 -15.57
C TYR B 140 -3.92 -23.10 -14.71
N ASP B 141 -2.72 -23.25 -14.13
CA ASP B 141 -2.47 -24.33 -13.19
C ASP B 141 -2.34 -23.83 -11.76
N GLY B 142 -2.38 -22.51 -11.56
CA GLY B 142 -2.43 -21.95 -10.23
C GLY B 142 -1.14 -22.04 -9.43
N LYS B 143 -0.02 -22.30 -10.07
CA LYS B 143 1.22 -22.46 -9.31
C LYS B 143 1.88 -21.13 -9.00
N TYR B 144 2.08 -20.30 -10.02
CA TYR B 144 2.85 -19.07 -9.88
C TYR B 144 2.13 -17.91 -10.54
N LEU B 145 2.39 -16.72 -10.02
CA LEU B 145 2.08 -15.48 -10.70
C LEU B 145 3.40 -14.76 -10.96
N PHE B 146 3.58 -14.22 -12.15
CA PHE B 146 4.76 -13.42 -12.44
C PHE B 146 4.35 -12.01 -12.76
N ILE B 147 5.28 -11.08 -12.52
CA ILE B 147 5.00 -9.67 -12.78
C ILE B 147 6.32 -8.92 -13.02
N ASN B 148 6.22 -7.83 -13.76
CA ASN B 148 7.35 -7.02 -14.19
C ASN B 148 7.62 -5.90 -13.21
N ASP B 149 8.82 -5.34 -13.32
CA ASP B 149 9.17 -4.07 -12.68
C ASP B 149 9.86 -3.21 -13.73
N LYS B 150 9.15 -2.18 -14.20
CA LYS B 150 9.72 -1.30 -15.21
C LYS B 150 10.76 -0.37 -14.60
N ALA B 151 10.63 -0.06 -13.30
CA ALA B 151 11.47 0.97 -12.70
C ALA B 151 12.90 0.47 -12.50
N ASN B 152 13.05 -0.75 -11.98
CA ASN B 152 14.38 -1.27 -11.72
C ASN B 152 14.64 -2.60 -12.44
N SER B 153 13.91 -2.84 -13.53
CA SER B 153 14.26 -3.87 -14.53
C SER B 153 14.25 -5.28 -13.92
N ARG B 154 13.14 -5.63 -13.26
CA ARG B 154 13.06 -6.92 -12.62
C ARG B 154 11.85 -7.71 -13.10
N VAL B 155 11.91 -9.01 -12.84
CA VAL B 155 10.78 -9.91 -12.89
C VAL B 155 10.69 -10.58 -11.53
N ALA B 156 9.48 -10.70 -11.01
CA ALA B 156 9.27 -11.38 -9.73
C ALA B 156 8.29 -12.51 -9.91
N ARG B 157 8.47 -13.57 -9.09
CA ARG B 157 7.57 -14.70 -9.05
C ARG B 157 6.88 -14.76 -7.69
N ILE B 158 5.58 -14.97 -7.70
CA ILE B 158 4.76 -15.10 -6.49
C ILE B 158 4.26 -16.54 -6.45
N ARG B 159 4.46 -17.21 -5.31
CA ARG B 159 3.91 -18.54 -5.12
C ARG B 159 2.47 -18.43 -4.65
N LEU B 160 1.55 -18.99 -5.43
CA LEU B 160 0.14 -18.79 -5.14
C LEU B 160 -0.37 -19.71 -4.03
N ASP B 161 0.46 -20.61 -3.48
CA ASP B 161 0.02 -21.38 -2.31
C ASP B 161 0.20 -20.57 -1.02
N ILE B 162 1.32 -19.86 -0.89
CA ILE B 162 1.56 -19.00 0.27
C ILE B 162 1.20 -17.54 0.01
N MET B 163 0.93 -17.15 -1.24
CA MET B 163 0.66 -15.75 -1.61
C MET B 163 1.78 -14.82 -1.13
N LYS B 164 3.03 -15.18 -1.49
CA LYS B 164 4.21 -14.34 -1.26
C LYS B 164 5.09 -14.41 -2.50
N CYS B 165 5.83 -13.32 -2.73
CA CYS B 165 6.95 -13.35 -3.67
C CYS B 165 8.04 -14.29 -3.15
N ASP B 166 8.41 -15.28 -3.96
CA ASP B 166 9.44 -16.23 -3.53
C ASP B 166 10.71 -16.16 -4.37
N LYS B 167 10.71 -15.43 -5.49
CA LYS B 167 11.89 -15.31 -6.34
C LYS B 167 11.85 -13.95 -7.04
N MET B 168 13.03 -13.41 -7.29
CA MET B 168 13.12 -12.14 -7.99
C MET B 168 14.42 -12.12 -8.78
N ILE B 169 14.40 -11.54 -9.97
CA ILE B 169 15.60 -11.47 -10.81
C ILE B 169 15.70 -10.08 -11.43
N THR B 170 16.89 -9.52 -11.43
CA THR B 170 17.20 -8.33 -12.19
C THR B 170 17.69 -8.78 -13.56
N VAL B 171 16.98 -8.37 -14.62
CA VAL B 171 17.33 -8.88 -15.94
C VAL B 171 18.62 -8.18 -16.36
N PRO B 172 19.67 -8.94 -16.69
CA PRO B 172 20.96 -8.31 -17.01
C PRO B 172 20.94 -7.60 -18.35
N ASN B 173 21.72 -6.52 -18.41
CA ASN B 173 22.09 -5.85 -19.66
C ASN B 173 20.90 -5.21 -20.38
N VAL B 174 19.89 -4.78 -19.62
CA VAL B 174 18.69 -4.16 -20.17
C VAL B 174 18.24 -3.05 -19.23
N GLN B 175 17.36 -2.19 -19.75
CA GLN B 175 16.67 -1.20 -18.93
C GLN B 175 15.17 -1.28 -19.20
N ALA B 176 14.40 -1.40 -18.12
CA ALA B 176 12.94 -1.21 -18.04
C ALA B 176 12.19 -2.43 -18.55
N ILE B 177 11.85 -3.36 -17.66
CA ILE B 177 11.04 -4.51 -18.04
C ILE B 177 9.58 -4.10 -18.05
N HIS B 178 8.96 -4.13 -19.22
CA HIS B 178 7.60 -3.65 -19.32
C HIS B 178 6.65 -4.80 -19.66
N GLY B 179 6.41 -5.02 -20.96
CA GLY B 179 5.72 -6.21 -21.41
C GLY B 179 6.21 -7.49 -20.77
N LEU B 180 5.27 -8.34 -20.35
CA LEU B 180 5.55 -9.65 -19.79
C LEU B 180 4.35 -10.55 -20.05
N ARG B 181 4.60 -11.77 -20.50
CA ARG B 181 3.58 -12.80 -20.59
C ARG B 181 4.25 -14.18 -20.63
N LEU B 182 3.44 -15.22 -20.53
CA LEU B 182 3.93 -16.55 -20.22
C LEU B 182 3.68 -17.51 -21.37
N GLN B 183 4.62 -18.44 -21.55
CA GLN B 183 4.36 -19.55 -22.45
C GLN B 183 3.09 -20.28 -22.00
N LYS B 184 2.27 -20.69 -22.95
CA LYS B 184 1.04 -21.41 -22.64
C LYS B 184 1.15 -22.92 -22.80
N VAL B 185 1.94 -23.36 -23.77
CA VAL B 185 1.92 -24.76 -24.22
C VAL B 185 3.37 -25.18 -24.44
N PRO B 186 3.77 -26.40 -24.01
CA PRO B 186 2.92 -27.37 -23.29
C PRO B 186 2.62 -26.95 -21.84
N HIS B 187 3.42 -26.02 -21.32
CA HIS B 187 3.23 -25.38 -20.02
C HIS B 187 4.11 -24.13 -20.00
N THR B 188 4.05 -23.40 -18.89
CA THR B 188 4.86 -22.20 -18.73
C THR B 188 6.29 -22.62 -18.42
N LYS B 189 7.03 -22.97 -19.48
CA LYS B 189 8.47 -23.14 -19.30
C LYS B 189 9.20 -21.80 -19.22
N TYR B 190 8.83 -20.85 -20.09
CA TYR B 190 9.46 -19.53 -20.13
C TYR B 190 8.49 -18.45 -19.69
N VAL B 191 9.05 -17.47 -18.97
CA VAL B 191 8.49 -16.15 -18.78
C VAL B 191 9.11 -15.26 -19.85
N PHE B 192 8.29 -14.64 -20.70
CA PHE B 192 8.76 -13.73 -21.73
C PHE B 192 8.62 -12.30 -21.25
N ALA B 193 9.69 -11.52 -21.35
CA ALA B 193 9.66 -10.16 -20.83
C ALA B 193 10.36 -9.20 -21.79
N ASN B 194 9.72 -8.07 -22.06
CA ASN B 194 10.27 -7.05 -22.94
C ASN B 194 11.10 -6.05 -22.13
N ALA B 195 12.29 -5.71 -22.62
CA ALA B 195 12.98 -4.51 -22.13
C ALA B 195 12.67 -3.35 -23.08
N GLU B 196 12.14 -2.27 -22.54
CA GLU B 196 11.51 -1.28 -23.41
C GLU B 196 12.49 -0.32 -24.07
N PHE B 197 13.61 -0.01 -23.41
CA PHE B 197 14.43 1.13 -23.80
C PHE B 197 15.75 0.67 -24.43
N ILE B 198 16.09 1.28 -25.57
CA ILE B 198 17.35 1.01 -26.27
C ILE B 198 18.51 1.61 -25.48
N ILE B 199 19.56 0.82 -25.26
CA ILE B 199 20.73 1.32 -24.53
C ILE B 199 22.02 0.86 -25.23
N PRO B 200 23.13 1.54 -24.97
CA PRO B 200 24.41 1.08 -25.52
C PRO B 200 24.86 -0.21 -24.87
N HIS B 201 25.62 -1.00 -25.62
CA HIS B 201 26.26 -2.22 -25.12
C HIS B 201 27.72 -2.17 -25.56
N PRO B 202 28.68 -2.03 -24.64
CA PRO B 202 28.46 -1.84 -23.21
C PRO B 202 27.93 -0.45 -22.90
N ASN B 203 27.26 -0.31 -21.77
CA ASN B 203 26.74 0.99 -21.35
C ASN B 203 27.71 1.57 -20.32
N ASP B 204 28.92 1.89 -20.79
CA ASP B 204 30.00 2.31 -19.92
C ASP B 204 30.31 3.80 -20.01
N GLY B 205 29.52 4.55 -20.77
CA GLY B 205 29.68 5.99 -20.79
C GLY B 205 30.57 6.51 -21.88
N LYS B 206 31.06 5.65 -22.78
CA LYS B 206 31.80 6.12 -23.93
C LYS B 206 30.90 6.40 -25.14
N VAL B 207 29.83 5.63 -25.33
CA VAL B 207 28.90 5.82 -26.44
C VAL B 207 27.50 6.03 -25.87
N PHE B 208 26.84 7.12 -26.28
CA PHE B 208 25.46 7.37 -25.87
C PHE B 208 24.46 7.27 -27.00
N ASP B 209 24.92 7.09 -28.24
CA ASP B 209 24.08 7.22 -29.42
C ASP B 209 23.22 5.98 -29.61
N LEU B 210 21.90 6.16 -29.69
CA LEU B 210 21.00 5.03 -29.93
C LEU B 210 21.11 4.48 -31.35
N GLN B 211 21.74 5.20 -32.27
CA GLN B 211 21.91 4.70 -33.63
C GLN B 211 23.19 3.90 -33.81
N ASP B 212 24.06 3.88 -32.80
CA ASP B 212 25.23 3.02 -32.87
C ASP B 212 24.80 1.58 -33.08
N GLU B 213 25.62 0.82 -33.81
CA GLU B 213 25.29 -0.56 -34.11
C GLU B 213 25.21 -1.43 -32.85
N ASN B 214 25.79 -0.99 -31.74
CA ASN B 214 25.69 -1.73 -30.48
C ASN B 214 24.72 -1.11 -29.50
N SER B 215 23.85 -0.21 -29.94
CA SER B 215 22.74 0.26 -29.13
C SER B 215 21.50 -0.50 -29.55
N TYR B 216 20.85 -1.14 -28.58
CA TYR B 216 19.70 -1.97 -28.90
C TYR B 216 19.03 -2.35 -27.60
N THR B 217 17.85 -2.96 -27.70
CA THR B 217 17.25 -3.61 -26.56
C THR B 217 17.02 -5.08 -26.90
N MET B 218 16.56 -5.86 -25.92
CA MET B 218 16.50 -7.31 -26.08
C MET B 218 15.20 -7.87 -25.53
N TYR B 219 14.75 -8.94 -26.18
CA TYR B 219 13.66 -9.77 -25.67
C TYR B 219 14.25 -10.78 -24.69
N ASN B 220 13.56 -11.02 -23.60
CA ASN B 220 14.14 -11.79 -22.51
C ASN B 220 13.27 -12.99 -22.19
N ALA B 221 13.90 -14.15 -22.06
CA ALA B 221 13.21 -15.35 -21.62
C ALA B 221 13.82 -15.79 -20.31
N ILE B 222 12.97 -15.98 -19.31
CA ILE B 222 13.37 -16.44 -18.00
C ILE B 222 12.78 -17.83 -17.78
N ASP B 223 13.60 -18.74 -17.26
CA ASP B 223 13.10 -20.06 -16.85
C ASP B 223 12.13 -19.86 -15.69
N ALA B 224 10.85 -20.20 -15.89
CA ALA B 224 9.84 -19.94 -14.86
C ALA B 224 10.14 -20.69 -13.58
N GLU B 225 10.67 -21.91 -13.68
CA GLU B 225 10.85 -22.76 -12.50
C GLU B 225 12.09 -22.38 -11.70
N THR B 226 13.18 -22.04 -12.38
CA THR B 226 14.39 -21.70 -11.66
C THR B 226 14.54 -20.21 -11.43
N MET B 227 13.78 -19.39 -12.15
CA MET B 227 13.88 -17.93 -12.12
C MET B 227 15.32 -17.47 -12.37
N GLU B 228 16.00 -18.18 -13.27
CA GLU B 228 17.25 -17.74 -13.88
C GLU B 228 17.00 -17.45 -15.36
N MET B 229 17.81 -16.56 -15.93
CA MET B 229 17.70 -16.24 -17.35
C MET B 229 17.82 -17.49 -18.20
N ALA B 230 17.01 -17.58 -19.25
CA ALA B 230 17.15 -18.66 -20.21
C ALA B 230 17.88 -18.19 -21.47
N PHE B 231 17.48 -17.07 -22.04
CA PHE B 231 18.17 -16.49 -23.19
C PHE B 231 17.69 -15.06 -23.40
N GLN B 232 18.39 -14.36 -24.30
CA GLN B 232 17.97 -13.03 -24.71
C GLN B 232 18.15 -12.90 -26.21
N VAL B 233 17.21 -12.19 -26.86
CA VAL B 233 17.23 -12.00 -28.31
C VAL B 233 17.31 -10.51 -28.60
N ILE B 234 18.42 -10.09 -29.20
CA ILE B 234 18.55 -8.72 -29.68
C ILE B 234 17.53 -8.47 -30.76
N VAL B 235 16.84 -7.34 -30.71
CA VAL B 235 15.89 -6.98 -31.74
C VAL B 235 16.23 -5.61 -32.31
N ASP B 236 15.74 -5.35 -33.52
CA ASP B 236 15.62 -3.99 -34.00
C ASP B 236 14.53 -3.25 -33.22
N GLY B 237 14.55 -1.92 -33.30
CA GLY B 237 13.50 -1.16 -32.66
C GLY B 237 13.48 -1.36 -31.16
N ASN B 238 12.29 -1.39 -30.59
CA ASN B 238 12.15 -1.59 -29.17
C ASN B 238 11.01 -2.57 -28.92
N LEU B 239 10.58 -2.69 -27.66
CA LEU B 239 9.59 -3.68 -27.30
C LEU B 239 8.58 -3.05 -26.37
N ASP B 240 7.31 -3.40 -26.58
CA ASP B 240 6.26 -2.83 -25.75
C ASP B 240 5.54 -3.93 -24.97
N ASN B 241 4.56 -4.59 -25.59
CA ASN B 241 3.85 -5.71 -24.98
C ASN B 241 4.15 -7.00 -25.74
N THR B 242 3.79 -8.15 -25.13
CA THR B 242 4.14 -9.44 -25.73
C THR B 242 3.11 -10.51 -25.36
N ASP B 243 2.97 -11.51 -26.23
CA ASP B 243 2.18 -12.68 -25.90
C ASP B 243 2.77 -13.89 -26.60
N ALA B 244 2.21 -15.06 -26.30
CA ALA B 244 2.72 -16.33 -26.81
C ALA B 244 1.57 -17.08 -27.44
N ASP B 245 1.89 -18.07 -28.27
CA ASP B 245 0.87 -18.82 -28.98
C ASP B 245 0.41 -19.99 -28.11
N TYR B 246 -0.31 -20.95 -28.72
CA TYR B 246 -0.77 -22.15 -28.05
C TYR B 246 -0.03 -23.39 -28.56
N THR B 247 1.21 -23.22 -29.01
CA THR B 247 2.03 -24.35 -29.42
C THR B 247 3.40 -24.38 -28.75
N GLY B 248 3.91 -23.27 -28.24
CA GLY B 248 5.24 -23.21 -27.70
C GLY B 248 6.29 -22.82 -28.73
N ARG B 249 5.94 -22.79 -30.01
CA ARG B 249 6.94 -22.38 -30.99
C ARG B 249 7.08 -20.86 -31.07
N PHE B 250 5.98 -20.10 -31.01
CA PHE B 250 6.01 -18.69 -31.37
C PHE B 250 5.63 -17.78 -30.19
N ALA B 251 6.37 -16.69 -30.06
CA ALA B 251 6.03 -15.53 -29.25
C ALA B 251 6.05 -14.30 -30.15
N ALA B 252 5.46 -13.20 -29.66
CA ALA B 252 5.30 -12.01 -30.47
C ALA B 252 5.29 -10.79 -29.57
N ALA B 253 5.81 -9.68 -30.09
CA ALA B 253 5.87 -8.46 -29.31
C ALA B 253 5.63 -7.26 -30.21
N THR B 254 4.95 -6.25 -29.69
CA THR B 254 4.83 -5.03 -30.44
C THR B 254 6.07 -4.18 -30.24
N CYS B 255 6.35 -3.35 -31.23
CA CYS B 255 7.39 -2.33 -31.19
C CYS B 255 6.80 -0.98 -31.58
N TYR B 256 7.16 0.09 -30.86
CA TYR B 256 6.68 1.41 -31.24
C TYR B 256 7.79 2.35 -31.68
N ASN B 257 9.04 1.95 -31.49
CA ASN B 257 10.18 2.81 -31.79
C ASN B 257 11.07 2.16 -32.83
N SER B 258 10.49 1.74 -33.97
CA SER B 258 11.35 1.23 -35.04
C SER B 258 12.35 2.27 -35.48
N GLU B 259 12.10 3.55 -35.14
CA GLU B 259 12.93 4.67 -35.52
C GLU B 259 14.21 4.80 -34.69
N LYS B 260 14.26 4.12 -33.54
CA LYS B 260 15.39 4.23 -32.60
C LYS B 260 15.67 5.70 -32.24
N ALA B 261 14.60 6.47 -32.06
CA ALA B 261 14.68 7.87 -31.68
C ALA B 261 14.50 8.05 -30.17
N PHE B 262 14.87 9.23 -29.67
CA PHE B 262 14.70 9.51 -28.24
C PHE B 262 13.67 10.58 -27.96
N ASP B 263 13.13 11.22 -28.98
CA ASP B 263 12.14 12.28 -28.82
C ASP B 263 10.81 11.84 -29.41
N LEU B 264 9.75 12.57 -29.01
CA LEU B 264 8.39 12.17 -29.35
C LEU B 264 8.16 12.14 -30.86
N GLY B 265 8.46 13.23 -31.55
CA GLY B 265 8.27 13.27 -32.99
C GLY B 265 9.00 12.15 -33.72
N GLY B 266 10.24 11.88 -33.31
CA GLY B 266 11.00 10.81 -33.94
C GLY B 266 10.32 9.45 -33.80
N MET B 267 9.84 9.13 -32.60
CA MET B 267 9.18 7.85 -32.38
C MET B 267 7.89 7.69 -33.17
N MET B 268 7.34 8.78 -33.73
CA MET B 268 6.08 8.72 -34.47
C MET B 268 6.26 8.81 -35.98
N ARG B 269 7.49 8.85 -36.47
CA ARG B 269 7.71 9.14 -37.89
C ARG B 269 7.20 8.02 -38.79
N ASN B 270 7.53 6.77 -38.47
CA ASN B 270 7.21 5.67 -39.38
C ASN B 270 5.70 5.41 -39.39
N GLU B 271 5.14 5.25 -40.61
CA GLU B 271 3.72 4.91 -40.72
C GLU B 271 3.43 3.57 -40.07
N ARG B 272 4.34 2.60 -40.22
CA ARG B 272 4.24 1.31 -39.55
C ARG B 272 5.50 1.06 -38.74
N ASP B 273 5.31 0.59 -37.52
CA ASP B 273 6.37 -0.11 -36.82
C ASP B 273 6.15 -1.61 -37.10
N TRP B 274 6.04 -2.43 -36.07
CA TRP B 274 5.85 -3.85 -36.37
C TRP B 274 5.46 -4.59 -35.10
N VAL B 275 5.03 -5.84 -35.28
CA VAL B 275 5.18 -6.83 -34.23
C VAL B 275 6.27 -7.79 -34.70
N VAL B 276 7.23 -8.02 -33.83
CA VAL B 276 8.31 -8.96 -34.12
C VAL B 276 7.88 -10.31 -33.60
N VAL B 277 8.06 -11.35 -34.43
CA VAL B 277 7.67 -12.71 -34.09
C VAL B 277 8.95 -13.50 -33.82
N PHE B 278 8.97 -14.23 -32.73
CA PHE B 278 10.12 -15.05 -32.35
C PHE B 278 9.83 -16.53 -32.63
N ASP B 279 10.73 -17.19 -33.35
CA ASP B 279 10.69 -18.63 -33.51
C ASP B 279 11.48 -19.22 -32.34
N ILE B 280 10.77 -19.59 -31.27
CA ILE B 280 11.42 -20.08 -30.05
C ILE B 280 12.15 -21.40 -30.30
N HIS B 281 11.62 -22.27 -31.16
CA HIS B 281 12.33 -23.50 -31.51
C HIS B 281 13.69 -23.18 -32.10
N ALA B 282 13.77 -22.15 -32.94
CA ALA B 282 15.05 -21.81 -33.54
C ALA B 282 16.00 -21.22 -32.51
N VAL B 283 15.47 -20.45 -31.55
CA VAL B 283 16.27 -19.91 -30.48
C VAL B 283 16.84 -21.04 -29.63
N GLU B 284 15.97 -21.96 -29.17
CA GLU B 284 16.44 -23.10 -28.40
C GLU B 284 17.44 -23.94 -29.18
N ALA B 285 17.21 -24.10 -30.49
CA ALA B 285 18.14 -24.88 -31.30
C ALA B 285 19.53 -24.23 -31.32
N ALA B 286 19.57 -22.91 -31.43
CA ALA B 286 20.86 -22.26 -31.48
C ALA B 286 21.54 -22.27 -30.11
N VAL B 287 20.75 -22.22 -29.04
CA VAL B 287 21.36 -22.27 -27.71
C VAL B 287 22.04 -23.62 -27.53
N LYS B 288 21.30 -24.70 -27.71
CA LYS B 288 21.91 -26.01 -27.52
C LYS B 288 23.06 -26.26 -28.49
N ALA B 289 23.09 -25.60 -29.64
CA ALA B 289 24.22 -25.77 -30.54
C ALA B 289 25.40 -24.86 -30.19
N GLY B 290 25.27 -24.06 -29.13
CA GLY B 290 26.33 -23.14 -28.74
C GLY B 290 26.47 -21.92 -29.61
N ASP B 291 25.50 -21.68 -30.51
CA ASP B 291 25.58 -20.56 -31.44
C ASP B 291 24.98 -19.34 -30.75
N PHE B 292 25.75 -18.76 -29.83
CA PHE B 292 25.33 -17.54 -29.15
C PHE B 292 26.54 -16.84 -28.58
N ILE B 293 26.30 -15.62 -28.11
CA ILE B 293 27.34 -14.83 -27.46
C ILE B 293 26.85 -14.45 -26.07
N THR B 294 27.70 -13.79 -25.30
CA THR B 294 27.34 -13.28 -23.99
C THR B 294 27.79 -11.84 -23.86
N LEU B 295 27.05 -11.07 -23.07
CA LEU B 295 27.29 -9.65 -22.86
C LEU B 295 27.79 -9.41 -21.44
N GLY B 296 28.88 -8.63 -21.31
CA GLY B 296 29.37 -8.27 -19.99
C GLY B 296 29.70 -9.50 -19.16
N ASP B 297 29.32 -9.44 -17.89
CA ASP B 297 29.61 -10.53 -16.96
C ASP B 297 28.48 -11.54 -16.87
N SER B 298 27.43 -11.39 -17.67
CA SER B 298 26.29 -12.30 -17.64
C SER B 298 26.56 -13.50 -18.54
N LYS B 299 26.25 -14.68 -18.02
CA LYS B 299 26.41 -15.90 -18.80
C LYS B 299 25.22 -16.19 -19.69
N THR B 300 24.19 -15.34 -19.64
CA THR B 300 22.97 -15.56 -20.41
C THR B 300 23.27 -15.67 -21.90
N PRO B 301 22.81 -16.72 -22.58
CA PRO B 301 23.02 -16.80 -24.04
C PRO B 301 22.30 -15.66 -24.74
N VAL B 302 23.00 -14.96 -25.63
CA VAL B 302 22.43 -13.85 -26.38
C VAL B 302 22.40 -14.21 -27.86
N LEU B 303 21.22 -14.14 -28.46
CA LEU B 303 21.02 -14.41 -29.89
C LEU B 303 20.64 -13.12 -30.60
N ASP B 304 21.10 -12.96 -31.85
CA ASP B 304 20.87 -11.72 -32.59
C ASP B 304 19.67 -11.87 -33.52
N GLY B 305 18.57 -11.20 -33.19
CA GLY B 305 17.37 -11.28 -33.98
C GLY B 305 17.16 -10.03 -34.81
N ARG B 306 18.22 -9.28 -35.01
CA ARG B 306 18.14 -8.13 -35.90
C ARG B 306 18.21 -8.56 -37.37
N LYS B 307 17.72 -7.69 -38.24
CA LYS B 307 17.99 -7.87 -39.66
C LYS B 307 19.42 -7.46 -39.98
N LYS B 308 20.01 -8.14 -40.95
CA LYS B 308 21.27 -7.75 -41.58
C LYS B 308 20.96 -7.33 -43.01
N ASP B 309 21.23 -6.07 -43.35
CA ASP B 309 21.18 -5.62 -44.74
C ASP B 309 19.89 -6.09 -45.41
N GLY B 310 18.79 -6.09 -44.66
CA GLY B 310 17.50 -6.58 -45.14
C GLY B 310 17.30 -8.08 -45.07
N LYS B 311 18.31 -8.85 -44.71
CA LYS B 311 18.18 -10.30 -44.57
C LYS B 311 17.70 -10.64 -43.17
N ASP B 312 16.69 -11.49 -43.08
CA ASP B 312 16.11 -11.80 -41.78
C ASP B 312 17.04 -12.71 -40.98
N SER B 313 16.94 -12.59 -39.67
CA SER B 313 17.59 -13.53 -38.79
C SER B 313 16.79 -14.84 -38.76
N LYS B 314 17.46 -15.92 -38.33
CA LYS B 314 16.80 -17.20 -38.08
C LYS B 314 15.71 -17.10 -37.01
N PHE B 315 15.85 -16.15 -36.08
CA PHE B 315 15.04 -16.16 -34.87
C PHE B 315 13.79 -15.28 -34.93
N THR B 316 13.68 -14.39 -35.92
CA THR B 316 12.68 -13.33 -35.87
C THR B 316 12.12 -13.08 -37.26
N ARG B 317 10.89 -12.56 -37.27
CA ARG B 317 10.35 -11.91 -38.46
C ARG B 317 9.61 -10.66 -38.01
N TYR B 318 9.61 -9.64 -38.86
CA TYR B 318 9.05 -8.34 -38.54
C TYR B 318 7.83 -8.10 -39.42
N VAL B 319 6.66 -8.04 -38.81
CA VAL B 319 5.40 -7.86 -39.53
C VAL B 319 5.00 -6.39 -39.40
N PRO B 320 5.00 -5.62 -40.49
CA PRO B 320 4.64 -4.20 -40.38
C PRO B 320 3.21 -4.02 -39.91
N VAL B 321 3.05 -3.22 -38.86
CA VAL B 321 1.77 -2.93 -38.21
C VAL B 321 1.72 -1.45 -37.85
N PRO B 322 0.67 -0.72 -38.22
CA PRO B 322 0.49 0.65 -37.71
C PRO B 322 -0.20 0.69 -36.36
N LYS B 323 0.06 1.76 -35.58
CA LYS B 323 1.18 2.70 -35.71
C LYS B 323 1.53 3.06 -34.28
N ASN B 324 2.79 2.88 -33.89
CA ASN B 324 3.17 2.77 -32.48
C ASN B 324 2.26 1.77 -31.78
N PRO B 325 2.14 0.54 -32.29
CA PRO B 325 1.14 -0.39 -31.75
C PRO B 325 1.45 -0.77 -30.34
N HIS B 326 0.42 -1.13 -29.60
CA HIS B 326 0.61 -1.26 -28.17
C HIS B 326 0.26 -2.66 -27.64
N GLY B 327 -1.02 -2.93 -27.42
CA GLY B 327 -1.40 -4.26 -26.97
C GLY B 327 -1.01 -5.35 -27.96
N CYS B 328 -0.71 -6.52 -27.41
CA CYS B 328 -0.31 -7.71 -28.18
C CYS B 328 -0.98 -8.90 -27.49
N ASN B 329 -2.09 -9.39 -28.04
CA ASN B 329 -2.98 -10.30 -27.32
C ASN B 329 -3.30 -11.54 -28.14
N THR B 330 -3.00 -12.72 -27.60
CA THR B 330 -3.32 -13.96 -28.29
C THR B 330 -4.78 -14.34 -28.07
N SER B 331 -5.51 -14.55 -29.15
CA SER B 331 -6.89 -15.00 -29.02
C SER B 331 -6.95 -16.36 -28.34
N SER B 332 -8.05 -16.59 -27.60
CA SER B 332 -8.18 -17.80 -26.78
C SER B 332 -8.35 -19.06 -27.61
N ASP B 333 -8.78 -18.95 -28.86
CA ASP B 333 -8.79 -20.09 -29.76
C ASP B 333 -7.44 -20.33 -30.43
N GLY B 334 -6.42 -19.56 -30.07
CA GLY B 334 -5.08 -19.73 -30.62
C GLY B 334 -4.88 -19.26 -32.03
N LYS B 335 -5.88 -18.60 -32.63
CA LYS B 335 -5.77 -18.28 -34.04
C LYS B 335 -4.93 -17.04 -34.31
N TYR B 336 -4.96 -16.04 -33.43
CA TYR B 336 -4.38 -14.73 -33.78
C TYR B 336 -3.49 -14.16 -32.68
N PHE B 337 -2.41 -13.51 -33.11
CA PHE B 337 -1.83 -12.40 -32.34
C PHE B 337 -2.53 -11.12 -32.81
N ILE B 338 -3.13 -10.40 -31.89
CA ILE B 338 -3.87 -9.19 -32.24
C ILE B 338 -3.13 -7.99 -31.64
N ALA B 339 -2.62 -7.12 -32.51
CA ALA B 339 -1.90 -5.93 -32.10
C ALA B 339 -2.83 -4.72 -32.14
N ALA B 340 -2.88 -3.97 -31.05
CA ALA B 340 -3.70 -2.77 -31.01
C ALA B 340 -2.96 -1.58 -31.62
N GLY B 341 -3.60 -0.89 -32.57
CA GLY B 341 -2.95 0.09 -33.43
C GLY B 341 -2.61 1.44 -32.79
N LYS B 342 -3.18 1.76 -31.61
CA LYS B 342 -2.93 3.01 -30.89
C LYS B 342 -3.09 4.26 -31.76
N LEU B 343 -1.99 4.74 -32.36
CA LEU B 343 -2.11 5.90 -33.24
C LEU B 343 -2.88 5.58 -34.51
N SER B 344 -2.95 4.31 -34.87
CA SER B 344 -3.82 3.87 -35.95
C SER B 344 -5.15 3.38 -35.35
N PRO B 345 -6.30 3.72 -35.95
CA PRO B 345 -7.58 3.39 -35.31
C PRO B 345 -8.03 1.97 -35.61
N THR B 346 -7.09 1.03 -35.50
CA THR B 346 -7.28 -0.34 -35.98
C THR B 346 -6.67 -1.30 -34.98
N CYS B 347 -6.91 -2.57 -35.21
CA CYS B 347 -6.08 -3.65 -34.69
C CYS B 347 -5.60 -4.44 -35.89
N SER B 348 -4.42 -5.03 -35.80
CA SER B 348 -3.89 -5.90 -36.84
C SER B 348 -3.94 -7.33 -36.35
N MET B 349 -4.52 -8.21 -37.16
CA MET B 349 -4.73 -9.61 -36.80
C MET B 349 -3.70 -10.46 -37.54
N ILE B 350 -2.78 -11.07 -36.79
CA ILE B 350 -1.74 -11.92 -37.35
C ILE B 350 -2.19 -13.38 -37.23
N ALA B 351 -2.34 -14.05 -38.39
CA ALA B 351 -2.75 -15.45 -38.42
C ALA B 351 -1.60 -16.34 -37.97
N ILE B 352 -1.73 -16.91 -36.77
CA ILE B 352 -0.66 -17.72 -36.20
C ILE B 352 -0.40 -18.98 -37.04
N ASP B 353 -1.41 -19.51 -37.73
CA ASP B 353 -1.13 -20.69 -38.53
C ASP B 353 -0.39 -20.35 -39.83
N LYS B 354 -0.22 -19.07 -40.15
CA LYS B 354 0.57 -18.67 -41.32
C LYS B 354 2.02 -18.39 -40.98
N LEU B 355 2.40 -18.43 -39.70
CA LEU B 355 3.76 -18.14 -39.25
C LEU B 355 4.79 -19.19 -39.68
N PRO B 356 4.50 -20.50 -39.64
CA PRO B 356 5.51 -21.44 -40.16
C PRO B 356 5.87 -21.16 -41.61
N ASP B 357 4.88 -20.90 -42.47
CA ASP B 357 5.18 -20.55 -43.86
C ASP B 357 5.99 -19.27 -43.95
N LEU B 358 5.65 -18.27 -43.12
CA LEU B 358 6.40 -17.02 -43.12
C LEU B 358 7.88 -17.27 -42.82
N PHE B 359 8.17 -18.08 -41.79
CA PHE B 359 9.55 -18.38 -41.46
C PHE B 359 10.21 -19.34 -42.45
N ALA B 360 9.42 -20.03 -43.26
CA ALA B 360 9.96 -20.93 -44.27
C ALA B 360 10.10 -20.24 -45.62
N GLY B 361 9.94 -18.93 -45.67
CA GLY B 361 10.07 -18.23 -46.93
C GLY B 361 9.00 -18.53 -47.94
N LYS B 362 7.88 -19.10 -47.50
CA LYS B 362 6.81 -19.44 -48.43
C LYS B 362 5.85 -18.29 -48.69
N LEU B 363 6.00 -17.18 -47.96
CA LEU B 363 5.22 -15.96 -48.19
C LEU B 363 6.15 -14.87 -48.70
N ALA B 364 5.64 -14.07 -49.65
CA ALA B 364 6.47 -13.07 -50.33
C ALA B 364 6.66 -11.81 -49.49
N ASP B 365 5.70 -11.48 -48.63
CA ASP B 365 5.64 -10.20 -47.94
C ASP B 365 5.21 -10.53 -46.52
N PRO B 366 5.91 -10.03 -45.50
CA PRO B 366 5.47 -10.28 -44.11
C PRO B 366 4.04 -9.82 -43.83
N ARG B 367 3.54 -8.81 -44.55
CA ARG B 367 2.14 -8.43 -44.41
C ARG B 367 1.19 -9.57 -44.75
N ASP B 368 1.65 -10.59 -45.47
CA ASP B 368 0.76 -11.69 -45.84
C ASP B 368 0.26 -12.48 -44.64
N VAL B 369 0.91 -12.38 -43.48
CA VAL B 369 0.38 -13.05 -42.29
C VAL B 369 -0.74 -12.26 -41.61
N ILE B 370 -0.92 -10.98 -41.97
CA ILE B 370 -2.06 -10.21 -41.51
C ILE B 370 -3.27 -10.64 -42.30
N VAL B 371 -4.34 -11.02 -41.61
CA VAL B 371 -5.57 -11.46 -42.24
C VAL B 371 -6.76 -10.63 -41.80
N GLY B 372 -6.55 -9.67 -40.91
CA GLY B 372 -7.54 -8.71 -40.51
C GLY B 372 -6.92 -7.43 -40.00
N GLU B 373 -7.54 -6.29 -40.32
CA GLU B 373 -7.13 -4.99 -39.76
C GLU B 373 -8.38 -4.16 -39.53
N PRO B 374 -9.25 -4.59 -38.63
CA PRO B 374 -10.53 -3.89 -38.45
C PRO B 374 -10.32 -2.46 -37.99
N GLU B 375 -11.07 -1.54 -38.59
CA GLU B 375 -11.14 -0.17 -38.08
C GLU B 375 -12.13 -0.16 -36.92
N LEU B 376 -11.70 0.30 -35.75
CA LEU B 376 -12.47 0.13 -34.53
C LEU B 376 -12.79 1.45 -33.84
N GLY B 377 -11.84 2.38 -33.79
CA GLY B 377 -12.07 3.64 -33.11
C GLY B 377 -10.75 4.28 -32.75
N LEU B 378 -10.86 5.44 -32.09
CA LEU B 378 -9.69 6.25 -31.79
C LEU B 378 -8.94 5.70 -30.58
N GLY B 379 -7.66 5.38 -30.80
CA GLY B 379 -6.78 4.96 -29.74
C GLY B 379 -6.96 3.55 -29.19
N PRO B 380 -7.05 2.54 -30.06
CA PRO B 380 -7.10 1.16 -29.55
C PRO B 380 -5.81 0.80 -28.82
N LEU B 381 -5.95 0.29 -27.61
CA LEU B 381 -4.78 -0.03 -26.81
C LEU B 381 -4.62 -1.51 -26.48
N HIS B 382 -5.70 -2.24 -26.20
CA HIS B 382 -5.60 -3.60 -25.69
C HIS B 382 -6.85 -4.37 -26.11
N THR B 383 -6.70 -5.68 -26.25
CA THR B 383 -7.78 -6.56 -26.68
C THR B 383 -7.87 -7.78 -25.78
N THR B 384 -9.10 -8.21 -25.48
CA THR B 384 -9.33 -9.44 -24.74
C THR B 384 -10.48 -10.22 -25.41
N PHE B 385 -10.81 -11.38 -24.84
CA PHE B 385 -11.57 -12.40 -25.55
C PHE B 385 -12.59 -13.06 -24.64
N ASP B 386 -13.79 -13.31 -25.16
CA ASP B 386 -14.83 -13.99 -24.38
C ASP B 386 -14.87 -15.49 -24.62
N GLY B 387 -14.08 -16.02 -25.56
CA GLY B 387 -14.21 -17.42 -25.91
C GLY B 387 -15.41 -17.76 -26.76
N ARG B 388 -16.17 -16.76 -27.21
CA ARG B 388 -17.32 -16.98 -28.09
C ARG B 388 -17.05 -16.47 -29.50
N GLY B 389 -15.80 -16.10 -29.82
CA GLY B 389 -15.46 -15.56 -31.12
C GLY B 389 -15.44 -14.04 -31.18
N ASN B 390 -15.69 -13.38 -30.08
CA ASN B 390 -15.68 -11.92 -30.00
C ASN B 390 -14.40 -11.44 -29.35
N ALA B 391 -13.89 -10.31 -29.84
CA ALA B 391 -12.81 -9.60 -29.17
C ALA B 391 -13.35 -8.30 -28.58
N TYR B 392 -12.68 -7.83 -27.52
CA TYR B 392 -13.07 -6.60 -26.84
C TYR B 392 -11.82 -5.74 -26.74
N THR B 393 -11.90 -4.51 -27.25
CA THR B 393 -10.73 -3.64 -27.36
C THR B 393 -11.01 -2.29 -26.71
N THR B 394 -10.08 -1.84 -25.88
CA THR B 394 -10.17 -0.50 -25.30
C THR B 394 -9.90 0.57 -26.37
N LEU B 395 -10.69 1.62 -26.35
CA LEU B 395 -10.48 2.79 -27.19
C LEU B 395 -10.14 3.92 -26.24
N PHE B 396 -8.85 4.25 -26.16
CA PHE B 396 -8.41 5.22 -25.15
C PHE B 396 -8.99 6.61 -25.42
N ILE B 397 -9.00 7.02 -26.68
CA ILE B 397 -9.44 8.38 -26.98
C ILE B 397 -10.96 8.46 -26.97
N ASP B 398 -11.63 7.54 -27.65
CA ASP B 398 -13.08 7.49 -27.63
C ASP B 398 -13.65 7.08 -26.27
N SER B 399 -12.78 6.64 -25.35
CA SER B 399 -13.15 6.22 -23.99
C SER B 399 -14.28 5.18 -24.00
N GLN B 400 -14.01 4.07 -24.69
CA GLN B 400 -14.99 3.01 -24.87
C GLN B 400 -14.31 1.65 -24.87
N VAL B 401 -15.14 0.62 -24.66
CA VAL B 401 -14.79 -0.75 -25.04
C VAL B 401 -15.63 -1.12 -26.26
N VAL B 402 -14.97 -1.62 -27.30
CA VAL B 402 -15.66 -2.04 -28.53
C VAL B 402 -15.62 -3.56 -28.63
N LYS B 403 -16.81 -4.17 -28.73
CA LYS B 403 -16.95 -5.60 -28.91
C LYS B 403 -17.02 -5.90 -30.41
N TRP B 404 -16.20 -6.82 -30.88
CA TRP B 404 -16.19 -7.09 -32.31
C TRP B 404 -15.93 -8.57 -32.56
N ASN B 405 -16.51 -9.07 -33.64
CA ASN B 405 -16.40 -10.48 -34.01
C ASN B 405 -15.17 -10.68 -34.90
N MET B 406 -14.23 -11.52 -34.44
CA MET B 406 -12.95 -11.70 -35.13
C MET B 406 -13.14 -12.32 -36.51
N GLU B 407 -13.98 -13.36 -36.62
CA GLU B 407 -14.09 -14.00 -37.92
C GLU B 407 -14.78 -13.12 -38.94
N GLU B 408 -15.56 -12.13 -38.51
CA GLU B 408 -16.15 -11.20 -39.47
C GLU B 408 -15.16 -10.09 -39.86
N ALA B 409 -14.31 -9.68 -38.93
CA ALA B 409 -13.28 -8.70 -39.29
C ALA B 409 -12.34 -9.26 -40.35
N VAL B 410 -12.01 -10.56 -40.27
CA VAL B 410 -11.11 -11.17 -41.25
C VAL B 410 -11.80 -11.26 -42.60
N ARG B 411 -13.10 -11.55 -42.61
CA ARG B 411 -13.85 -11.57 -43.86
C ARG B 411 -13.87 -10.18 -44.49
N ALA B 412 -14.06 -9.14 -43.69
CA ALA B 412 -14.07 -7.78 -44.24
C ALA B 412 -12.72 -7.41 -44.82
N TYR B 413 -11.63 -7.94 -44.24
CA TYR B 413 -10.29 -7.68 -44.79
C TYR B 413 -10.19 -8.19 -46.22
N LYS B 414 -10.78 -9.35 -46.49
CA LYS B 414 -10.86 -9.89 -47.84
C LYS B 414 -11.82 -9.12 -48.74
N GLY B 415 -12.37 -8.00 -48.25
CA GLY B 415 -13.26 -7.16 -49.02
C GLY B 415 -14.73 -7.43 -48.81
N GLU B 416 -15.09 -8.57 -48.21
CA GLU B 416 -16.49 -8.89 -47.97
C GLU B 416 -17.06 -7.88 -46.99
N LYS B 417 -17.93 -7.00 -47.47
CA LYS B 417 -18.44 -5.91 -46.65
C LYS B 417 -19.38 -6.47 -45.59
N VAL B 418 -18.92 -6.50 -44.34
CA VAL B 418 -19.67 -7.04 -43.22
C VAL B 418 -19.36 -6.18 -42.00
N ASN B 419 -20.36 -6.01 -41.13
CA ASN B 419 -20.21 -5.16 -39.95
C ASN B 419 -19.81 -6.02 -38.75
N TYR B 420 -18.51 -6.07 -38.47
CA TYR B 420 -17.96 -6.88 -37.40
C TYR B 420 -18.08 -6.24 -36.01
N ILE B 421 -18.37 -4.94 -35.94
CA ILE B 421 -18.53 -4.25 -34.66
C ILE B 421 -19.91 -4.54 -34.09
N LYS B 422 -19.96 -5.01 -32.84
CA LYS B 422 -21.23 -5.42 -32.24
C LYS B 422 -21.77 -4.46 -31.20
N GLN B 423 -20.91 -3.68 -30.54
CA GLN B 423 -21.33 -2.78 -29.47
C GLN B 423 -20.15 -1.91 -29.10
N LYS B 424 -20.42 -0.66 -28.73
CA LYS B 424 -19.42 0.21 -28.13
C LYS B 424 -19.99 0.70 -26.80
N LEU B 425 -19.32 0.35 -25.71
CA LEU B 425 -19.73 0.73 -24.37
C LEU B 425 -18.87 1.87 -23.85
N ASP B 426 -19.53 2.91 -23.33
CA ASP B 426 -18.79 4.04 -22.76
C ASP B 426 -18.18 3.64 -21.43
N VAL B 427 -16.91 4.00 -21.24
CA VAL B 427 -16.24 3.79 -19.95
C VAL B 427 -15.67 5.13 -19.48
N HIS B 428 -15.22 5.15 -18.22
CA HIS B 428 -15.05 6.40 -17.47
C HIS B 428 -13.75 6.42 -16.66
N TYR B 429 -12.67 6.95 -17.23
CA TYR B 429 -12.54 7.46 -18.60
C TYR B 429 -11.13 7.11 -19.06
N GLN B 430 -10.93 7.00 -20.38
CA GLN B 430 -9.63 6.72 -20.99
C GLN B 430 -9.12 5.34 -20.59
N PRO B 431 -9.70 4.27 -21.12
CA PRO B 431 -9.31 2.93 -20.70
C PRO B 431 -7.96 2.52 -21.31
N GLY B 432 -7.16 1.82 -20.51
CA GLY B 432 -5.90 1.25 -20.95
C GLY B 432 -6.03 -0.24 -21.24
N HIS B 433 -5.65 -1.10 -20.30
CA HIS B 433 -5.88 -2.54 -20.43
C HIS B 433 -7.32 -2.92 -20.14
N LEU B 434 -7.68 -4.11 -20.60
CA LEU B 434 -8.93 -4.73 -20.19
C LEU B 434 -8.69 -6.23 -20.12
N HIS B 435 -9.53 -6.94 -19.36
CA HIS B 435 -9.26 -8.36 -19.10
C HIS B 435 -10.58 -9.11 -18.94
N ALA B 436 -10.80 -10.12 -19.77
CA ALA B 436 -11.97 -10.97 -19.62
C ALA B 436 -11.60 -12.26 -18.90
N SER B 437 -12.54 -12.79 -18.11
CA SER B 437 -12.19 -13.91 -17.25
C SER B 437 -11.71 -15.10 -18.08
N LEU B 438 -10.51 -15.60 -17.72
CA LEU B 438 -9.85 -16.76 -18.32
C LEU B 438 -9.39 -16.50 -19.76
N CYS B 439 -9.32 -15.22 -20.14
CA CYS B 439 -9.06 -14.83 -21.53
C CYS B 439 -7.73 -15.35 -22.05
N GLU B 440 -6.75 -15.53 -21.17
CA GLU B 440 -5.41 -15.99 -21.58
C GLU B 440 -5.31 -17.52 -21.69
N THR B 441 -6.44 -18.24 -21.61
CA THR B 441 -6.45 -19.70 -21.66
C THR B 441 -7.46 -20.18 -22.68
N ASN B 442 -7.38 -21.46 -23.03
CA ASN B 442 -8.40 -22.02 -23.90
C ASN B 442 -9.70 -22.32 -23.17
N GLU B 443 -9.80 -21.92 -21.89
CA GLU B 443 -11.03 -21.99 -21.11
C GLU B 443 -11.71 -20.63 -20.94
N ALA B 444 -11.35 -19.62 -21.73
CA ALA B 444 -12.00 -18.31 -21.66
C ALA B 444 -13.50 -18.47 -21.55
N ASP B 445 -14.09 -17.98 -20.45
CA ASP B 445 -15.47 -18.32 -20.14
C ASP B 445 -16.48 -17.21 -20.47
N GLY B 446 -16.02 -16.04 -20.87
CA GLY B 446 -16.94 -15.00 -21.34
C GLY B 446 -17.89 -14.46 -20.30
N LYS B 447 -17.52 -14.48 -19.02
CA LYS B 447 -18.42 -13.99 -17.97
C LYS B 447 -18.14 -12.55 -17.55
N TRP B 448 -16.93 -12.26 -17.08
CA TRP B 448 -16.60 -10.95 -16.53
C TRP B 448 -15.53 -10.28 -17.37
N LEU B 449 -15.61 -8.94 -17.42
CA LEU B 449 -14.63 -8.10 -18.09
C LEU B 449 -14.30 -6.91 -17.19
N VAL B 450 -13.02 -6.65 -16.97
CA VAL B 450 -12.58 -5.48 -16.21
C VAL B 450 -11.84 -4.58 -17.17
N ALA B 451 -12.26 -3.32 -17.25
CA ALA B 451 -11.58 -2.31 -18.03
C ALA B 451 -10.93 -1.32 -17.07
N LEU B 452 -9.65 -1.06 -17.24
CA LEU B 452 -8.85 -0.29 -16.29
C LEU B 452 -8.59 1.08 -16.88
N SER B 453 -9.38 2.08 -16.42
CA SER B 453 -9.38 3.42 -16.99
C SER B 453 -8.55 4.39 -16.15
N LYS B 454 -7.90 5.33 -16.83
CA LYS B 454 -6.86 6.11 -16.16
C LYS B 454 -7.36 7.42 -15.53
N PHE B 455 -8.46 7.99 -16.01
CA PHE B 455 -8.99 9.23 -15.44
C PHE B 455 -10.35 8.96 -14.82
N SER B 456 -10.43 9.03 -13.51
CA SER B 456 -11.72 8.75 -12.90
C SER B 456 -12.57 10.00 -12.73
N LYS B 457 -11.96 11.19 -12.82
CA LYS B 457 -12.69 12.45 -12.83
C LYS B 457 -13.71 12.52 -11.70
N ASP B 458 -14.99 12.57 -12.07
CA ASP B 458 -16.09 12.79 -11.13
C ASP B 458 -16.78 11.49 -10.73
N ARG B 459 -16.16 10.34 -10.99
CA ARG B 459 -16.86 9.08 -10.74
C ARG B 459 -16.84 8.69 -9.27
N PHE B 460 -15.97 9.30 -8.49
CA PHE B 460 -15.83 9.05 -7.06
C PHE B 460 -15.79 10.37 -6.33
N LEU B 461 -16.02 10.33 -5.02
CA LEU B 461 -15.88 11.52 -4.20
C LEU B 461 -14.50 12.16 -4.41
N PRO B 462 -14.41 13.49 -4.40
CA PRO B 462 -13.11 14.16 -4.51
C PRO B 462 -12.18 13.78 -3.36
N VAL B 463 -10.91 13.53 -3.68
CA VAL B 463 -9.94 13.22 -2.64
C VAL B 463 -8.65 14.02 -2.84
N GLY B 464 -8.75 15.21 -3.41
CA GLY B 464 -7.60 16.07 -3.60
C GLY B 464 -7.03 15.94 -5.00
N PRO B 465 -5.85 16.52 -5.24
CA PRO B 465 -5.36 16.59 -6.64
C PRO B 465 -5.05 15.26 -7.25
N LEU B 466 -4.59 14.29 -6.47
CA LEU B 466 -4.33 12.94 -6.96
C LEU B 466 -5.64 12.15 -6.92
N HIS B 467 -6.05 11.58 -8.06
CA HIS B 467 -7.31 10.81 -8.18
C HIS B 467 -7.03 9.32 -8.25
N PRO B 468 -8.01 8.48 -7.88
CA PRO B 468 -7.88 7.04 -8.12
C PRO B 468 -8.05 6.69 -9.58
N GLU B 469 -7.67 5.45 -9.91
CA GLU B 469 -8.03 4.88 -11.21
C GLU B 469 -9.41 4.28 -11.11
N ASN B 470 -10.06 4.09 -12.26
CA ASN B 470 -11.40 3.51 -12.30
C ASN B 470 -11.34 2.18 -13.05
N ASP B 471 -11.35 1.09 -12.31
CA ASP B 471 -11.39 -0.25 -12.88
C ASP B 471 -12.85 -0.70 -12.89
N GLN B 472 -13.45 -0.74 -14.06
CA GLN B 472 -14.88 -0.98 -14.16
C GLN B 472 -15.16 -2.43 -14.51
N LEU B 473 -16.03 -3.06 -13.71
CA LEU B 473 -16.46 -4.42 -13.94
C LEU B 473 -17.65 -4.40 -14.89
N ILE B 474 -17.60 -5.24 -15.92
CA ILE B 474 -18.59 -5.27 -16.99
C ILE B 474 -19.06 -6.71 -17.18
N ASP B 475 -20.38 -6.90 -17.19
CA ASP B 475 -20.94 -8.22 -17.42
C ASP B 475 -20.94 -8.48 -18.93
N ILE B 476 -20.24 -9.53 -19.38
CA ILE B 476 -20.23 -9.85 -20.80
C ILE B 476 -20.82 -11.24 -21.07
N SER B 477 -21.54 -11.81 -20.09
CA SER B 477 -22.08 -13.15 -20.27
C SER B 477 -23.17 -13.19 -21.33
N GLY B 478 -23.74 -12.05 -21.69
CA GLY B 478 -24.72 -11.95 -22.75
C GLY B 478 -24.23 -11.20 -23.96
N ASP B 479 -25.15 -10.99 -24.91
CA ASP B 479 -24.84 -10.24 -26.12
C ASP B 479 -24.54 -8.77 -25.85
N GLU B 480 -25.14 -8.19 -24.81
CA GLU B 480 -24.92 -6.78 -24.51
C GLU B 480 -23.99 -6.65 -23.29
N MET B 481 -22.92 -5.88 -23.45
CA MET B 481 -22.07 -5.55 -22.32
C MET B 481 -22.81 -4.62 -21.37
N LYS B 482 -22.72 -4.90 -20.08
CA LYS B 482 -23.41 -4.12 -19.05
C LYS B 482 -22.41 -3.71 -17.97
N LEU B 483 -22.23 -2.40 -17.81
CA LEU B 483 -21.42 -1.84 -16.75
C LEU B 483 -22.10 -2.09 -15.41
N VAL B 484 -21.41 -2.76 -14.48
CA VAL B 484 -22.01 -3.08 -13.19
C VAL B 484 -21.32 -2.43 -11.98
N HIS B 485 -20.04 -2.06 -12.05
CA HIS B 485 -19.36 -1.61 -10.83
C HIS B 485 -18.18 -0.74 -11.22
N ASP B 486 -18.02 0.38 -10.53
CA ASP B 486 -16.83 1.22 -10.65
C ASP B 486 -15.94 0.93 -9.45
N GLY B 487 -14.74 0.40 -9.71
CA GLY B 487 -13.80 0.12 -8.65
C GLY B 487 -12.61 1.07 -8.66
N PRO B 488 -12.56 1.95 -7.67
CA PRO B 488 -11.42 2.87 -7.55
C PRO B 488 -10.20 2.11 -7.04
N THR B 489 -9.03 2.38 -7.63
CA THR B 489 -7.80 1.73 -7.19
C THR B 489 -6.67 2.75 -7.14
N PHE B 490 -5.64 2.41 -6.36
CA PHE B 490 -4.54 3.33 -6.08
C PHE B 490 -3.37 3.08 -7.03
N ALA B 491 -2.74 4.16 -7.51
CA ALA B 491 -1.43 4.08 -8.15
C ALA B 491 -1.44 3.36 -9.49
N GLU B 492 -2.56 3.35 -10.17
CA GLU B 492 -2.57 2.88 -11.53
C GLU B 492 -2.20 1.42 -11.69
N PRO B 493 -3.02 0.49 -11.22
CA PRO B 493 -2.95 -0.85 -11.78
C PRO B 493 -3.04 -0.72 -13.31
N HIS B 494 -2.10 -1.30 -14.01
CA HIS B 494 -2.36 -1.20 -15.43
C HIS B 494 -3.26 -2.34 -15.88
N ASP B 495 -3.02 -3.53 -15.37
CA ASP B 495 -3.66 -4.73 -15.87
C ASP B 495 -3.92 -5.64 -14.69
N CYS B 496 -4.76 -6.64 -14.90
CA CYS B 496 -5.08 -7.60 -13.85
C CYS B 496 -5.30 -8.94 -14.52
N ILE B 497 -5.45 -9.97 -13.71
CA ILE B 497 -5.76 -11.31 -14.20
C ILE B 497 -6.71 -11.98 -13.21
N MET B 498 -7.71 -12.67 -13.75
CA MET B 498 -8.73 -13.38 -12.97
C MET B 498 -8.51 -14.89 -13.05
N ALA B 499 -8.79 -15.58 -11.94
CA ALA B 499 -8.81 -17.03 -11.94
C ALA B 499 -10.06 -17.51 -11.22
N ARG B 500 -10.60 -18.63 -11.68
CA ARG B 500 -11.70 -19.25 -10.96
C ARG B 500 -11.26 -19.58 -9.53
N ARG B 501 -12.22 -19.57 -8.61
CA ARG B 501 -11.93 -19.95 -7.24
C ARG B 501 -11.27 -21.33 -7.17
N ASP B 502 -11.73 -22.28 -7.98
CA ASP B 502 -11.18 -23.64 -7.93
C ASP B 502 -9.85 -23.76 -8.66
N GLN B 503 -9.33 -22.69 -9.25
CA GLN B 503 -8.03 -22.73 -9.87
C GLN B 503 -6.90 -22.35 -8.92
N ILE B 504 -7.21 -21.91 -7.70
CA ILE B 504 -6.25 -21.43 -6.74
C ILE B 504 -6.41 -22.24 -5.46
N LYS B 505 -5.32 -22.83 -4.97
CA LYS B 505 -5.36 -23.59 -3.71
C LYS B 505 -4.23 -23.06 -2.84
N THR B 506 -4.62 -22.52 -1.68
CA THR B 506 -3.68 -21.84 -0.78
C THR B 506 -3.47 -22.69 0.46
N LYS B 507 -2.30 -22.52 1.08
CA LYS B 507 -1.98 -23.17 2.34
C LYS B 507 -2.49 -22.28 3.48
N LYS B 508 -2.90 -22.91 4.57
CA LYS B 508 -3.23 -22.10 5.72
C LYS B 508 -2.05 -21.98 6.68
N ILE B 509 -1.11 -22.91 6.61
CA ILE B 509 -0.01 -23.02 7.56
C ILE B 509 1.25 -23.30 6.75
N TRP B 510 2.37 -22.70 7.15
CA TRP B 510 3.61 -22.91 6.44
C TRP B 510 4.15 -24.32 6.66
N ASP B 511 4.90 -24.82 5.68
CA ASP B 511 5.75 -26.00 5.83
C ASP B 511 7.08 -25.63 6.48
N ARG B 512 7.55 -26.45 7.43
CA ARG B 512 8.77 -26.05 8.12
C ARG B 512 10.01 -26.08 7.21
N ASN B 513 9.98 -26.82 6.11
CA ASN B 513 11.10 -26.87 5.17
C ASN B 513 10.92 -25.90 4.01
N ASP B 514 9.96 -24.98 4.10
CA ASP B 514 9.71 -24.07 2.98
C ASP B 514 10.98 -23.33 2.56
N PRO B 515 11.30 -23.28 1.27
CA PRO B 515 12.55 -22.61 0.84
C PRO B 515 12.57 -21.13 1.15
N PHE B 516 11.42 -20.52 1.44
CA PHE B 516 11.34 -19.09 1.76
C PHE B 516 12.25 -18.74 2.93
N PHE B 517 12.33 -19.61 3.95
CA PHE B 517 13.21 -19.35 5.09
C PHE B 517 14.22 -20.46 5.32
N ALA B 518 14.45 -21.32 4.35
CA ALA B 518 15.45 -22.37 4.54
C ALA B 518 16.85 -21.83 4.83
N PRO B 519 17.31 -20.72 4.25
CA PRO B 519 18.61 -20.17 4.67
C PRO B 519 18.66 -19.81 6.14
N THR B 520 17.55 -19.32 6.70
CA THR B 520 17.51 -18.99 8.11
C THR B 520 17.62 -20.26 8.95
N VAL B 521 17.00 -21.35 8.49
CA VAL B 521 17.14 -22.64 9.17
C VAL B 521 18.58 -23.10 9.17
N GLU B 522 19.28 -22.93 8.05
CA GLU B 522 20.68 -23.32 8.01
C GLU B 522 21.54 -22.46 8.94
N MET B 523 21.31 -21.14 8.96
CA MET B 523 21.98 -20.27 9.93
C MET B 523 21.76 -20.77 11.36
N ALA B 524 20.52 -21.11 11.69
CA ALA B 524 20.25 -21.59 13.04
C ALA B 524 21.04 -22.84 13.35
N LYS B 525 21.17 -23.72 12.35
CA LYS B 525 21.87 -24.99 12.58
C LYS B 525 23.34 -24.74 12.93
N LYS B 526 23.99 -23.78 12.26
CA LYS B 526 25.38 -23.47 12.61
C LYS B 526 25.51 -23.05 14.07
N ASP B 527 24.47 -22.47 14.65
CA ASP B 527 24.46 -22.10 16.07
C ASP B 527 24.00 -23.24 16.97
N GLY B 528 23.74 -24.42 16.42
CA GLY B 528 23.23 -25.52 17.22
C GLY B 528 21.79 -25.35 17.64
N ILE B 529 21.01 -24.57 16.88
CA ILE B 529 19.66 -24.17 17.28
C ILE B 529 18.64 -25.10 16.63
N ASN B 530 17.67 -25.58 17.41
CA ASN B 530 16.47 -26.23 16.89
C ASN B 530 15.36 -25.20 16.97
N LEU B 531 14.92 -24.70 15.81
CA LEU B 531 14.02 -23.55 15.77
C LEU B 531 12.64 -23.86 16.34
N ASP B 532 12.22 -25.12 16.30
CA ASP B 532 10.89 -25.46 16.77
C ASP B 532 10.77 -25.41 18.28
N THR B 533 11.89 -25.39 19.01
CA THR B 533 11.86 -25.49 20.45
C THR B 533 12.68 -24.42 21.18
N ASP B 534 13.69 -23.84 20.56
CA ASP B 534 14.71 -23.14 21.32
C ASP B 534 14.34 -21.69 21.59
N ASN B 535 14.69 -21.24 22.80
CA ASN B 535 14.58 -19.84 23.19
C ASN B 535 15.92 -19.49 23.79
N LYS B 536 16.81 -18.94 22.97
CA LYS B 536 18.21 -18.80 23.35
C LYS B 536 18.80 -17.55 22.73
N VAL B 537 19.81 -17.03 23.38
CA VAL B 537 20.51 -15.85 22.89
C VAL B 537 21.94 -16.28 22.64
N ILE B 538 22.35 -16.24 21.38
CA ILE B 538 23.67 -16.64 20.91
C ILE B 538 24.53 -15.39 20.76
N ARG B 539 25.68 -15.37 21.39
CA ARG B 539 26.58 -14.23 21.30
C ARG B 539 27.80 -14.58 20.49
N ASP B 540 28.24 -13.64 19.66
CA ASP B 540 29.35 -13.90 18.74
C ASP B 540 30.01 -12.54 18.45
N GLY B 541 30.93 -12.16 19.32
CA GLY B 541 31.59 -10.87 19.14
C GLY B 541 30.61 -9.73 19.33
N ASN B 542 30.54 -8.83 18.36
CA ASN B 542 29.53 -7.78 18.42
C ASN B 542 28.26 -8.17 17.66
N LYS B 543 28.03 -9.45 17.45
CA LYS B 543 26.78 -9.91 16.87
C LYS B 543 26.01 -10.69 17.93
N VAL B 544 24.69 -10.49 17.96
CA VAL B 544 23.83 -11.20 18.90
C VAL B 544 22.71 -11.81 18.08
N ARG B 545 22.52 -13.12 18.22
CA ARG B 545 21.48 -13.82 17.47
C ARG B 545 20.50 -14.38 18.47
N VAL B 546 19.31 -13.78 18.51
CA VAL B 546 18.24 -14.17 19.41
C VAL B 546 17.33 -15.13 18.65
N TYR B 547 17.07 -16.29 19.22
CA TYR B 547 16.15 -17.24 18.63
C TYR B 547 15.03 -17.49 19.62
N MET B 548 13.79 -17.36 19.17
CA MET B 548 12.71 -17.66 20.09
C MET B 548 11.52 -18.25 19.34
N THR B 549 10.74 -19.04 20.08
CA THR B 549 9.42 -19.42 19.62
C THR B 549 8.41 -18.39 20.10
N SER B 550 7.25 -18.39 19.44
CA SER B 550 6.20 -17.46 19.79
C SER B 550 4.88 -18.21 19.73
N MET B 551 4.10 -18.06 20.81
CA MET B 551 2.76 -18.60 20.97
C MET B 551 2.19 -17.95 22.22
N ALA B 552 0.89 -17.66 22.18
CA ALA B 552 0.23 -17.18 23.38
C ALA B 552 0.65 -18.04 24.57
N PRO B 553 0.99 -17.44 25.72
CA PRO B 553 0.75 -16.02 26.00
C PRO B 553 1.94 -15.06 25.80
N ALA B 554 3.09 -15.50 25.26
CA ALA B 554 4.27 -14.66 25.38
C ALA B 554 5.29 -14.95 24.29
N PHE B 555 6.16 -13.95 24.06
CA PHE B 555 7.39 -14.18 23.33
C PHE B 555 8.21 -15.20 24.11
N GLY B 556 8.91 -16.07 23.38
CA GLY B 556 9.68 -17.10 24.05
C GLY B 556 10.89 -16.54 24.76
N VAL B 557 11.43 -15.44 24.25
CA VAL B 557 12.48 -14.67 24.91
C VAL B 557 11.85 -13.33 25.24
N GLN B 558 11.64 -13.05 26.51
CA GLN B 558 10.97 -11.83 26.89
C GLN B 558 11.91 -10.69 27.21
N GLU B 559 13.19 -10.97 27.40
CA GLU B 559 14.17 -9.90 27.54
C GLU B 559 15.54 -10.42 27.17
N PHE B 560 16.37 -9.51 26.68
CA PHE B 560 17.76 -9.85 26.45
C PHE B 560 18.58 -8.57 26.53
N THR B 561 19.86 -8.74 26.84
CA THR B 561 20.79 -7.63 27.04
C THR B 561 21.90 -7.69 26.02
N VAL B 562 22.25 -6.55 25.44
CA VAL B 562 23.32 -6.44 24.46
C VAL B 562 24.18 -5.22 24.80
N LYS B 563 25.29 -5.06 24.08
CA LYS B 563 26.14 -3.88 24.16
C LYS B 563 25.72 -2.90 23.09
N GLN B 564 25.82 -1.60 23.41
CA GLN B 564 25.59 -0.56 22.43
C GLN B 564 26.47 -0.80 21.19
N GLY B 565 25.83 -0.73 20.03
CA GLY B 565 26.48 -1.00 18.76
C GLY B 565 26.42 -2.44 18.30
N ASP B 566 25.96 -3.37 19.14
CA ASP B 566 25.84 -4.76 18.70
C ASP B 566 24.87 -4.88 17.51
N GLU B 567 25.18 -5.78 16.59
CA GLU B 567 24.26 -6.07 15.50
C GLU B 567 23.38 -7.23 15.93
N VAL B 568 22.11 -6.95 16.10
CA VAL B 568 21.18 -7.92 16.67
C VAL B 568 20.35 -8.51 15.56
N THR B 569 20.31 -9.84 15.51
CA THR B 569 19.36 -10.54 14.65
C THR B 569 18.32 -11.21 15.54
N VAL B 570 17.05 -10.94 15.28
CA VAL B 570 15.99 -11.63 16.02
C VAL B 570 15.26 -12.58 15.05
N THR B 571 15.25 -13.86 15.41
CA THR B 571 14.60 -14.90 14.64
C THR B 571 13.45 -15.47 15.47
N ILE B 572 12.25 -15.48 14.90
CA ILE B 572 11.07 -15.93 15.62
C ILE B 572 10.40 -17.03 14.82
N THR B 573 10.03 -18.10 15.51
CA THR B 573 9.33 -19.23 14.91
C THR B 573 7.96 -19.31 15.54
N ASN B 574 6.93 -19.13 14.73
CA ASN B 574 5.56 -19.18 15.22
C ASN B 574 5.19 -20.64 15.34
N ILE B 575 5.20 -21.16 16.56
CA ILE B 575 4.96 -22.59 16.75
C ILE B 575 3.49 -22.89 17.01
N ASP B 576 2.65 -21.86 17.06
CA ASP B 576 1.20 -22.06 17.13
C ASP B 576 0.72 -22.83 15.89
N GLN B 577 -0.27 -23.69 16.10
CA GLN B 577 -0.83 -24.52 15.05
C GLN B 577 -2.11 -23.97 14.44
N ILE B 578 -2.90 -23.24 15.24
CA ILE B 578 -4.16 -22.64 14.79
C ILE B 578 -3.88 -21.76 13.58
N GLU B 579 -4.84 -21.68 12.66
CA GLU B 579 -4.68 -20.78 11.55
C GLU B 579 -5.27 -19.41 11.90
N ASP B 580 -4.92 -18.42 11.08
CA ASP B 580 -5.21 -17.01 11.30
C ASP B 580 -4.59 -16.47 12.58
N VAL B 581 -3.77 -17.25 13.27
CA VAL B 581 -3.02 -16.72 14.40
C VAL B 581 -1.63 -16.30 13.93
N SER B 582 -1.55 -15.13 13.33
CA SER B 582 -0.27 -14.56 12.97
C SER B 582 0.27 -13.72 14.12
N TRP B 583 1.59 -13.75 14.28
CA TRP B 583 2.30 -12.95 15.25
C TRP B 583 3.01 -11.83 14.51
N GLY B 584 3.37 -10.79 15.27
CA GLY B 584 4.17 -9.71 14.75
C GLY B 584 5.31 -9.41 15.72
N PHE B 585 6.23 -8.57 15.27
CA PHE B 585 7.38 -8.21 16.08
C PHE B 585 7.80 -6.82 15.66
N VAL B 586 7.77 -5.89 16.61
CA VAL B 586 8.22 -4.51 16.40
C VAL B 586 9.18 -4.14 17.52
N VAL B 587 10.32 -3.58 17.17
CA VAL B 587 11.21 -2.97 18.16
C VAL B 587 10.95 -1.47 18.11
N VAL B 588 10.51 -0.90 19.23
CA VAL B 588 10.13 0.51 19.26
C VAL B 588 11.33 1.39 18.93
N ASN B 589 11.12 2.38 18.06
CA ASN B 589 12.11 3.42 17.72
C ASN B 589 13.38 2.85 17.09
N HIS B 590 13.33 1.66 16.47
CA HIS B 590 14.46 1.11 15.72
C HIS B 590 14.12 0.79 14.27
N GLY B 591 12.92 1.13 13.83
CA GLY B 591 12.52 0.86 12.46
C GLY B 591 12.43 -0.62 12.11
N VAL B 592 11.96 -1.44 13.04
CA VAL B 592 11.99 -2.91 12.95
C VAL B 592 10.56 -3.43 13.06
N SER B 593 10.13 -4.19 12.06
CA SER B 593 8.75 -4.68 12.01
C SER B 593 8.68 -5.90 11.10
N MET B 594 7.99 -6.96 11.52
CA MET B 594 7.79 -8.10 10.62
C MET B 594 6.64 -8.97 11.09
N GLU B 595 6.13 -9.79 10.15
CA GLU B 595 5.09 -10.79 10.38
C GLU B 595 5.71 -12.17 10.58
N ILE B 596 5.10 -12.99 11.46
CA ILE B 596 5.44 -14.41 11.57
C ILE B 596 4.12 -15.18 11.60
N SER B 597 3.80 -15.83 10.49
CA SER B 597 2.55 -16.59 10.39
C SER B 597 2.76 -18.01 10.91
N PRO B 598 1.69 -18.79 11.05
CA PRO B 598 1.84 -20.13 11.69
C PRO B 598 2.86 -21.01 10.97
N GLN B 599 3.78 -21.58 11.74
CA GLN B 599 4.87 -22.47 11.32
C GLN B 599 5.91 -21.78 10.44
N GLN B 600 5.83 -20.46 10.29
CA GLN B 600 6.86 -19.67 9.65
C GLN B 600 7.98 -19.35 10.63
N THR B 601 9.21 -19.29 10.11
CA THR B 601 10.34 -18.66 10.79
C THR B 601 10.67 -17.36 10.03
N SER B 602 10.73 -16.25 10.75
CA SER B 602 11.11 -14.96 10.18
C SER B 602 12.25 -14.36 10.99
N SER B 603 13.09 -13.56 10.33
CA SER B 603 14.23 -12.96 11.05
C SER B 603 14.51 -11.56 10.54
N ILE B 604 15.05 -10.74 11.43
CA ILE B 604 15.32 -9.34 11.10
C ILE B 604 16.57 -8.91 11.85
N THR B 605 17.38 -8.06 11.21
CA THR B 605 18.68 -7.67 11.73
C THR B 605 18.74 -6.15 11.85
N PHE B 606 19.21 -5.66 12.99
CA PHE B 606 19.26 -4.21 13.21
C PHE B 606 20.37 -3.92 14.21
N VAL B 607 20.82 -2.67 14.23
CA VAL B 607 21.91 -2.29 15.14
C VAL B 607 21.30 -1.68 16.39
N ALA B 608 21.74 -2.14 17.56
CA ALA B 608 21.28 -1.58 18.83
C ALA B 608 22.10 -0.32 19.09
N ASP B 609 21.72 0.77 18.42
CA ASP B 609 22.54 1.97 18.41
C ASP B 609 22.21 2.93 19.56
N LYS B 610 21.24 2.59 20.41
CA LYS B 610 20.80 3.48 21.49
C LYS B 610 20.91 2.79 22.83
N PRO B 611 21.62 3.36 23.81
CA PRO B 611 21.67 2.72 25.12
C PRO B 611 20.32 2.80 25.78
N GLY B 612 20.13 1.95 26.77
CA GLY B 612 18.94 1.99 27.60
C GLY B 612 18.01 0.82 27.28
N LEU B 613 16.83 0.91 27.86
CA LEU B 613 15.80 -0.12 27.75
C LEU B 613 14.92 0.17 26.54
N HIS B 614 14.69 -0.83 25.69
CA HIS B 614 13.93 -0.63 24.47
C HIS B 614 12.90 -1.73 24.33
N TRP B 615 11.63 -1.34 24.32
CA TRP B 615 10.52 -2.29 24.31
C TRP B 615 10.34 -2.88 22.92
N TYR B 616 9.98 -4.16 22.88
CA TYR B 616 9.47 -4.74 21.66
C TYR B 616 8.09 -5.33 21.92
N TYR B 617 7.26 -5.39 20.89
CA TYR B 617 5.90 -5.85 21.11
C TYR B 617 5.39 -6.61 19.88
N CYS B 618 4.31 -7.33 20.08
CA CYS B 618 3.69 -8.11 19.02
C CYS B 618 2.65 -7.24 18.34
N SER B 619 2.86 -6.97 17.05
CA SER B 619 1.93 -6.13 16.31
C SER B 619 0.69 -6.92 15.88
N TRP B 620 0.90 -7.94 15.05
CA TRP B 620 -0.20 -8.70 14.45
C TRP B 620 -0.95 -9.51 15.49
N PHE B 621 -2.27 -9.36 15.48
CA PHE B 621 -3.22 -10.21 16.19
C PHE B 621 -3.03 -10.17 17.71
N CYS B 622 -2.30 -9.17 18.22
CA CYS B 622 -1.95 -9.12 19.64
C CYS B 622 -2.55 -7.93 20.40
N GLU B 628 1.13 -8.27 28.61
CA GLU B 628 0.89 -8.27 27.19
C GLU B 628 1.99 -9.01 26.48
N MET B 629 1.87 -9.15 25.15
CA MET B 629 2.91 -9.83 24.37
C MET B 629 3.96 -8.78 24.03
N VAL B 630 4.82 -8.53 25.01
CA VAL B 630 5.85 -7.50 24.95
C VAL B 630 7.13 -8.09 25.53
N GLY B 631 8.25 -7.39 25.26
CA GLY B 631 9.54 -7.81 25.76
C GLY B 631 10.45 -6.60 25.78
N ARG B 632 11.64 -6.80 26.34
CA ARG B 632 12.56 -5.70 26.62
C ARG B 632 13.95 -6.05 26.13
N MET B 633 14.49 -5.19 25.27
CA MET B 633 15.89 -5.27 24.90
C MET B 633 16.64 -4.23 25.73
N MET B 634 17.61 -4.68 26.51
CA MET B 634 18.40 -3.76 27.33
C MET B 634 19.77 -3.58 26.70
N VAL B 635 20.13 -2.32 26.44
CA VAL B 635 21.35 -2.00 25.72
C VAL B 635 22.32 -1.30 26.68
N GLU B 636 23.40 -1.97 27.03
CA GLU B 636 24.39 -1.38 27.94
C GLU B 636 25.19 -0.30 27.20
N PRO B 637 25.44 0.84 27.85
CA PRO B 637 26.07 1.96 27.13
C PRO B 637 27.50 1.66 26.72
N ALA B 638 27.87 2.23 25.58
CA ALA B 638 29.22 2.04 25.04
C ALA B 638 30.28 2.45 26.05
N TRP B 639 30.03 3.50 26.83
CA TRP B 639 31.08 3.95 27.73
C TRP B 639 31.36 2.94 28.84
N SER B 640 30.53 1.91 29.01
CA SER B 640 30.80 0.85 29.99
C SER B 640 31.44 -0.39 29.38
N HIS B 641 31.82 -0.35 28.10
CA HIS B 641 32.39 -1.48 27.39
C HIS B 641 33.65 -1.05 26.65
N PRO B 642 34.49 -2.01 26.21
CA PRO B 642 35.73 -1.63 25.52
C PRO B 642 35.51 -0.61 24.42
N GLN B 643 36.37 0.41 24.42
CA GLN B 643 36.37 1.45 23.41
C GLN B 643 37.26 0.94 22.29
#